data_8YSP
#
_entry.id   8YSP
#
_cell.length_a   48.812
_cell.length_b   110.274
_cell.length_c   133.744
_cell.angle_alpha   90.000
_cell.angle_beta   90.000
_cell.angle_gamma   90.000
#
_symmetry.space_group_name_H-M   'P 21 21 21'
#
loop_
_entity.id
_entity.type
_entity.pdbx_description
1 polymer CylI
2 water water
#
_entity_poly.entity_id   1
_entity_poly.type   'polypeptide(L)'
_entity_poly.pdbx_seq_one_letter_code
;MGSSHHHHHHSSGENLYFQGHMTYIVSTSTAFPENYYPQTVLAAALRRFFTVMELDFDLEQIDRFFTNVKIDGRYFALPL
DSLLDPPTWGVSISRGLENSLNLAETAITKLLEKTNVQPQDISLLASVSMTPAIPSLDGRLMNRIPFSSTLKRLPMNGVG
CMGGAFGISRVADYLKAHPKEAAILFAVEISSALWQGSLQANLTSLIRRLPENPSLYSEIIMDIITAALFADGCGAVLMV
GKEHPLAKSGLPQVIDNRSFLVPNTVELMGLDVVDNGFRNILRPEVSDALKQGLRPLINGLLADNNIESENLYRWIVHPG
GPKVIDTVEAEFGLDSQTLQLSRDTLAEVGNISSATVLYMLDKVLSEEQSPPDSYGLIVAMGPGLAQEAILLKW
;
_entity_poly.pdbx_strand_id   A,B
#
# COMPACT_ATOMS: atom_id res chain seq x y z
N MET A 22 -1.39 26.37 5.40
CA MET A 22 -1.40 25.14 6.18
C MET A 22 -2.75 24.43 6.07
N THR A 23 -2.77 23.16 6.49
CA THR A 23 -3.96 22.33 6.37
C THR A 23 -4.76 22.36 7.67
N TYR A 24 -6.09 22.39 7.54
CA TYR A 24 -6.99 22.41 8.69
C TYR A 24 -7.65 21.05 8.86
N ILE A 25 -7.75 20.60 10.10
CA ILE A 25 -8.53 19.42 10.45
C ILE A 25 -9.96 19.87 10.69
N VAL A 26 -10.88 19.53 9.77
CA VAL A 26 -12.23 20.03 9.93
C VAL A 26 -13.02 19.15 10.89
N SER A 27 -12.87 17.84 10.78
CA SER A 27 -13.71 16.92 11.54
C SER A 27 -13.15 15.51 11.41
N THR A 28 -13.72 14.62 12.22
CA THR A 28 -13.30 13.24 12.30
C THR A 28 -14.53 12.37 12.55
N SER A 29 -14.35 11.07 12.33
CA SER A 29 -15.40 10.10 12.65
C SER A 29 -14.75 8.74 12.82
N THR A 30 -15.50 7.83 13.42
CA THR A 30 -15.00 6.46 13.59
C THR A 30 -16.11 5.49 13.21
N ALA A 31 -15.72 4.21 13.12
CA ALA A 31 -16.66 3.12 12.90
C ALA A 31 -16.07 1.86 13.48
N PHE A 32 -16.91 1.11 14.17
CA PHE A 32 -16.49 -0.12 14.83
C PHE A 32 -17.43 -1.24 14.49
N PRO A 33 -16.93 -2.49 14.46
CA PRO A 33 -17.80 -3.64 14.18
C PRO A 33 -18.82 -3.87 15.27
N GLU A 34 -19.64 -4.89 15.12
CA GLU A 34 -20.73 -5.15 16.06
C GLU A 34 -20.23 -5.76 17.37
N ASN A 35 -19.48 -6.86 17.29
CA ASN A 35 -19.20 -7.66 18.48
C ASN A 35 -18.05 -7.07 19.30
N TYR A 36 -18.35 -6.77 20.57
CA TYR A 36 -17.38 -6.31 21.55
C TYR A 36 -17.20 -7.41 22.59
N TYR A 37 -16.00 -7.94 22.66
CA TYR A 37 -15.71 -8.93 23.69
C TYR A 37 -14.87 -8.30 24.78
N PRO A 38 -15.26 -8.46 26.05
CA PRO A 38 -14.35 -8.11 27.14
C PRO A 38 -13.08 -8.94 27.07
N GLN A 39 -12.00 -8.38 27.64
CA GLN A 39 -10.69 -9.03 27.51
C GLN A 39 -10.65 -10.40 28.18
N THR A 40 -11.40 -10.57 29.28
CA THR A 40 -11.43 -11.87 29.95
C THR A 40 -12.09 -12.93 29.07
N VAL A 41 -13.10 -12.54 28.28
CA VAL A 41 -13.72 -13.50 27.36
C VAL A 41 -12.74 -13.93 26.28
N LEU A 42 -11.97 -12.99 25.74
CA LEU A 42 -10.97 -13.35 24.74
C LEU A 42 -9.90 -14.26 25.33
N ALA A 43 -9.44 -13.95 26.55
CA ALA A 43 -8.43 -14.80 27.18
C ALA A 43 -8.99 -16.20 27.45
N ALA A 44 -10.25 -16.29 27.87
CA ALA A 44 -10.88 -17.59 28.04
C ALA A 44 -10.94 -18.35 26.73
N ALA A 45 -11.21 -17.64 25.62
CA ALA A 45 -11.23 -18.30 24.32
C ALA A 45 -9.86 -18.88 23.97
N LEU A 46 -8.80 -18.08 24.17
CA LEU A 46 -7.45 -18.56 23.84
C LEU A 46 -7.04 -19.72 24.76
N ARG A 47 -7.39 -19.62 26.05
CA ARG A 47 -7.13 -20.73 26.97
C ARG A 47 -7.90 -21.97 26.56
N ARG A 48 -9.13 -21.80 26.11
CA ARG A 48 -9.92 -22.94 25.65
C ARG A 48 -9.21 -23.62 24.49
N PHE A 49 -8.68 -22.82 23.55
CA PHE A 49 -7.93 -23.41 22.45
C PHE A 49 -6.69 -24.13 22.95
N PHE A 50 -6.02 -23.56 23.95
CA PHE A 50 -4.84 -24.23 24.51
C PHE A 50 -5.21 -25.57 25.14
N THR A 51 -6.34 -25.62 25.84
CA THR A 51 -6.75 -26.85 26.51
C THR A 51 -7.25 -27.90 25.50
N VAL A 52 -8.04 -27.47 24.51
CA VAL A 52 -8.66 -28.41 23.58
C VAL A 52 -7.60 -29.15 22.79
N MET A 53 -6.60 -28.42 22.28
CA MET A 53 -5.50 -29.03 21.56
C MET A 53 -4.49 -29.71 22.48
N GLU A 54 -4.71 -29.66 23.79
CA GLU A 54 -3.84 -30.28 24.79
C GLU A 54 -2.41 -29.75 24.68
N LEU A 55 -2.27 -28.46 24.39
CA LEU A 55 -0.95 -27.86 24.31
C LEU A 55 -0.35 -27.70 25.70
N ASP A 56 0.97 -27.84 25.77
CA ASP A 56 1.69 -27.78 27.04
C ASP A 56 2.34 -26.40 27.15
N PHE A 57 1.56 -25.43 27.61
CA PHE A 57 2.04 -24.11 27.98
C PHE A 57 1.19 -23.62 29.13
N ASP A 58 1.85 -23.03 30.12
CA ASP A 58 1.19 -22.52 31.32
C ASP A 58 -0.02 -21.68 30.96
N LEU A 59 -1.21 -22.16 31.35
CA LEU A 59 -2.43 -21.45 31.00
C LEU A 59 -2.43 -20.05 31.61
N GLU A 60 -1.76 -19.88 32.74
CA GLU A 60 -1.73 -18.58 33.41
C GLU A 60 -0.89 -17.57 32.64
N GLN A 61 0.01 -18.02 31.78
CA GLN A 61 0.76 -17.08 30.95
C GLN A 61 -0.16 -16.39 29.94
N ILE A 62 -1.24 -17.05 29.53
CA ILE A 62 -2.25 -16.37 28.71
C ILE A 62 -2.85 -15.21 29.49
N ASP A 63 -3.28 -15.48 30.72
CA ASP A 63 -3.97 -14.49 31.54
C ASP A 63 -3.04 -13.33 31.90
N ARG A 64 -1.77 -13.63 32.17
CA ARG A 64 -0.84 -12.58 32.57
C ARG A 64 -0.70 -11.52 31.48
N PHE A 65 -0.53 -11.95 30.23
CA PHE A 65 -0.32 -10.99 29.17
C PHE A 65 -1.62 -10.41 28.64
N PHE A 66 -2.73 -11.15 28.71
CA PHE A 66 -4.01 -10.57 28.34
C PHE A 66 -4.45 -9.52 29.37
N THR A 67 -3.97 -9.65 30.60
CA THR A 67 -4.35 -8.71 31.65
C THR A 67 -3.42 -7.50 31.70
N ASN A 68 -2.11 -7.71 31.57
CA ASN A 68 -1.17 -6.62 31.75
C ASN A 68 -1.00 -5.76 30.49
N VAL A 69 -1.72 -6.06 29.40
CA VAL A 69 -1.74 -5.11 28.29
C VAL A 69 -2.67 -3.93 28.56
N LYS A 70 -3.49 -4.01 29.61
CA LYS A 70 -4.36 -2.92 30.03
C LYS A 70 -5.39 -2.58 28.95
N ILE A 71 -6.13 -3.61 28.56
CA ILE A 71 -7.24 -3.49 27.63
C ILE A 71 -8.48 -4.09 28.28
N ASP A 72 -9.56 -3.32 28.32
CA ASP A 72 -10.79 -3.82 28.93
C ASP A 72 -11.65 -4.63 27.97
N GLY A 73 -11.59 -4.33 26.68
CA GLY A 73 -12.32 -5.11 25.70
C GLY A 73 -12.08 -4.59 24.31
N ARG A 74 -12.30 -5.47 23.33
CA ARG A 74 -11.96 -5.18 21.94
C ARG A 74 -13.14 -5.49 21.02
N TYR A 75 -13.23 -4.72 19.94
CA TYR A 75 -14.17 -5.00 18.85
C TYR A 75 -13.51 -5.96 17.87
N PHE A 76 -14.25 -6.99 17.47
CA PHE A 76 -13.78 -7.96 16.48
C PHE A 76 -14.81 -7.99 15.34
N ALA A 77 -14.36 -7.72 14.12
CA ALA A 77 -15.27 -7.76 12.99
C ALA A 77 -15.57 -9.18 12.55
N LEU A 78 -14.57 -10.09 12.65
CA LEU A 78 -14.57 -11.50 12.27
C LEU A 78 -14.87 -12.38 13.48
N PRO A 79 -15.61 -13.47 13.29
CA PRO A 79 -16.25 -14.13 14.44
C PRO A 79 -15.25 -14.75 15.40
N LEU A 80 -15.64 -14.78 16.68
CA LEU A 80 -14.91 -15.53 17.69
C LEU A 80 -15.21 -17.02 17.65
N ASP A 81 -16.29 -17.42 16.99
CA ASP A 81 -16.59 -18.83 16.83
C ASP A 81 -15.70 -19.45 15.74
N PRO A 87 -12.52 -21.27 9.01
CA PRO A 87 -12.82 -21.09 7.58
C PRO A 87 -11.59 -21.34 6.73
N THR A 88 -11.64 -20.90 5.47
CA THR A 88 -10.48 -20.89 4.59
C THR A 88 -9.83 -19.52 4.66
N TRP A 89 -8.52 -19.47 4.46
CA TRP A 89 -7.85 -18.16 4.42
C TRP A 89 -8.45 -17.28 3.34
N GLY A 90 -8.89 -17.87 2.22
CA GLY A 90 -9.52 -17.09 1.18
C GLY A 90 -10.80 -16.42 1.64
N VAL A 91 -11.69 -17.19 2.26
CA VAL A 91 -12.97 -16.65 2.69
C VAL A 91 -12.80 -15.75 3.91
N SER A 92 -11.78 -16.00 4.74
CA SER A 92 -11.46 -15.08 5.83
C SER A 92 -11.04 -13.72 5.28
N ILE A 93 -10.15 -13.71 4.29
CA ILE A 93 -9.72 -12.43 3.74
C ILE A 93 -10.88 -11.76 3.04
N SER A 94 -11.72 -12.52 2.34
CA SER A 94 -12.89 -11.94 1.70
C SER A 94 -13.81 -11.28 2.73
N ARG A 95 -14.04 -11.96 3.86
CA ARG A 95 -14.83 -11.35 4.92
C ARG A 95 -14.16 -10.09 5.46
N GLY A 96 -12.85 -10.13 5.66
CA GLY A 96 -12.15 -8.95 6.16
C GLY A 96 -12.20 -7.79 5.19
N LEU A 97 -12.11 -8.08 3.89
CA LEU A 97 -12.27 -7.06 2.88
C LEU A 97 -13.65 -6.43 2.96
N GLU A 98 -14.68 -7.27 3.09
CA GLU A 98 -16.05 -6.80 3.19
C GLU A 98 -16.25 -5.94 4.44
N ASN A 99 -15.71 -6.38 5.58
CA ASN A 99 -15.84 -5.60 6.81
C ASN A 99 -15.07 -4.30 6.74
N SER A 100 -13.86 -4.34 6.16
CA SER A 100 -13.08 -3.13 5.97
C SER A 100 -13.88 -2.11 5.19
N LEU A 101 -14.45 -2.55 4.06
CA LEU A 101 -15.26 -1.65 3.23
C LEU A 101 -16.47 -1.12 3.99
N ASN A 102 -17.14 -1.98 4.77
CA ASN A 102 -18.32 -1.56 5.51
C ASN A 102 -17.99 -0.47 6.53
N LEU A 103 -16.94 -0.71 7.33
CA LEU A 103 -16.56 0.25 8.35
C LEU A 103 -16.11 1.56 7.71
N ALA A 104 -15.28 1.48 6.65
CA ALA A 104 -14.84 2.69 5.96
C ALA A 104 -16.02 3.48 5.41
N GLU A 105 -16.97 2.79 4.77
CA GLU A 105 -18.14 3.47 4.24
C GLU A 105 -18.89 4.20 5.33
N THR A 106 -19.13 3.52 6.45
CA THR A 106 -19.89 4.13 7.54
C THR A 106 -19.18 5.37 8.08
N ALA A 107 -17.86 5.27 8.26
CA ALA A 107 -17.08 6.38 8.81
C ALA A 107 -17.06 7.57 7.87
N ILE A 108 -16.83 7.32 6.58
CA ILE A 108 -16.82 8.39 5.58
C ILE A 108 -18.19 9.05 5.49
N THR A 109 -19.24 8.24 5.45
CA THR A 109 -20.59 8.78 5.32
C THR A 109 -20.94 9.69 6.49
N LYS A 110 -20.66 9.24 7.72
CA LYS A 110 -20.99 10.10 8.84
C LYS A 110 -20.09 11.35 8.86
N LEU A 111 -18.86 11.23 8.36
CA LEU A 111 -17.99 12.41 8.26
C LEU A 111 -18.60 13.44 7.30
N LEU A 112 -19.02 12.97 6.13
CA LEU A 112 -19.63 13.84 5.13
C LEU A 112 -20.91 14.48 5.67
N GLU A 113 -21.73 13.71 6.39
CA GLU A 113 -23.01 14.24 6.85
C GLU A 113 -22.82 15.27 7.94
N LYS A 114 -21.89 15.01 8.88
CA LYS A 114 -21.64 15.95 9.97
C LYS A 114 -20.94 17.22 9.48
N THR A 115 -20.25 17.19 8.35
CA THR A 115 -19.72 18.43 7.78
C THR A 115 -20.57 19.01 6.67
N ASN A 116 -21.65 18.31 6.28
CA ASN A 116 -22.51 18.70 5.15
C ASN A 116 -21.71 18.91 3.87
N VAL A 117 -20.87 17.93 3.53
CA VAL A 117 -20.02 18.00 2.35
C VAL A 117 -20.43 16.90 1.39
N GLN A 118 -20.62 17.26 0.12
CA GLN A 118 -21.04 16.28 -0.87
C GLN A 118 -19.84 15.46 -1.36
N PRO A 119 -20.06 14.19 -1.68
CA PRO A 119 -18.92 13.35 -2.11
C PRO A 119 -18.21 13.88 -3.34
N GLN A 120 -18.91 14.57 -4.25
CA GLN A 120 -18.28 15.11 -5.45
C GLN A 120 -17.44 16.36 -5.19
N ASP A 121 -17.46 16.90 -3.97
CA ASP A 121 -16.61 18.03 -3.64
C ASP A 121 -15.30 17.61 -2.97
N ILE A 122 -15.03 16.29 -2.88
CA ILE A 122 -13.82 15.75 -2.28
C ILE A 122 -12.84 15.44 -3.40
N SER A 123 -11.63 15.99 -3.30
CA SER A 123 -10.67 15.87 -4.41
C SER A 123 -9.76 14.66 -4.27
N LEU A 124 -9.45 14.28 -3.03
CA LEU A 124 -8.51 13.21 -2.73
C LEU A 124 -9.05 12.34 -1.61
N LEU A 125 -8.92 11.03 -1.80
CA LEU A 125 -9.34 10.03 -0.85
C LEU A 125 -8.14 9.16 -0.52
N ALA A 126 -7.64 9.28 0.72
CA ALA A 126 -6.43 8.59 1.15
C ALA A 126 -6.77 7.48 2.12
N SER A 127 -6.05 6.38 2.02
CA SER A 127 -6.39 5.18 2.79
C SER A 127 -5.10 4.56 3.34
N VAL A 128 -5.22 3.97 4.53
CA VAL A 128 -4.18 3.11 5.08
C VAL A 128 -4.85 1.89 5.69
N SER A 129 -4.32 0.71 5.36
CA SER A 129 -4.91 -0.54 5.81
C SER A 129 -4.02 -1.71 5.41
N MET A 130 -3.73 -2.59 6.34
CA MET A 130 -3.01 -3.82 6.05
C MET A 130 -3.89 -4.88 5.39
N THR A 131 -5.20 -4.66 5.35
CA THR A 131 -6.08 -5.60 4.66
C THR A 131 -5.63 -5.72 3.20
N PRO A 132 -5.40 -6.92 2.69
CA PRO A 132 -5.08 -7.05 1.26
C PRO A 132 -6.24 -6.56 0.42
N ALA A 133 -5.94 -5.67 -0.53
CA ALA A 133 -6.99 -5.15 -1.41
C ALA A 133 -6.33 -4.68 -2.70
N ILE A 134 -6.52 -5.43 -3.78
CA ILE A 134 -6.06 -5.01 -5.09
C ILE A 134 -7.22 -5.25 -6.05
N PRO A 135 -8.00 -4.22 -6.40
CA PRO A 135 -7.78 -2.78 -6.11
C PRO A 135 -8.01 -2.37 -4.66
N SER A 136 -7.42 -1.22 -4.30
CA SER A 136 -7.42 -0.72 -2.94
C SER A 136 -8.85 -0.48 -2.45
N LEU A 137 -8.98 -0.32 -1.13
CA LEU A 137 -10.28 -0.07 -0.52
C LEU A 137 -10.89 1.24 -0.99
N ASP A 138 -10.07 2.25 -1.32
CA ASP A 138 -10.61 3.54 -1.73
C ASP A 138 -11.25 3.47 -3.11
N GLY A 139 -10.57 2.77 -4.04
CA GLY A 139 -11.20 2.48 -5.31
C GLY A 139 -12.50 1.72 -5.15
N ARG A 140 -12.51 0.71 -4.26
CA ARG A 140 -13.71 -0.08 -4.02
C ARG A 140 -14.84 0.80 -3.46
N LEU A 141 -14.50 1.76 -2.62
CA LEU A 141 -15.52 2.62 -2.02
C LEU A 141 -16.15 3.54 -3.05
N MET A 142 -15.43 3.88 -4.12
CA MET A 142 -16.15 4.69 -5.11
C MET A 142 -17.35 3.98 -5.75
N ASN A 143 -17.55 2.67 -5.53
CA ASN A 143 -18.77 2.02 -6.00
C ASN A 143 -19.88 2.02 -4.96
N ARG A 144 -19.65 2.57 -3.78
CA ARG A 144 -20.73 2.68 -2.81
C ARG A 144 -20.96 4.09 -2.29
N ILE A 145 -20.12 5.06 -2.65
CA ILE A 145 -20.31 6.46 -2.26
C ILE A 145 -20.07 7.29 -3.51
N PRO A 146 -20.99 8.20 -3.89
CA PRO A 146 -20.88 8.83 -5.22
C PRO A 146 -19.81 9.91 -5.33
N PHE A 147 -18.56 9.50 -5.16
CA PHE A 147 -17.45 10.34 -5.54
C PHE A 147 -17.46 10.55 -7.05
N SER A 148 -16.78 11.60 -7.50
CA SER A 148 -16.60 11.76 -8.92
C SER A 148 -15.65 10.70 -9.45
N SER A 149 -15.81 10.35 -10.72
CA SER A 149 -14.97 9.32 -11.32
C SER A 149 -13.51 9.75 -11.43
N THR A 150 -13.24 11.05 -11.43
CA THR A 150 -11.90 11.58 -11.49
C THR A 150 -11.30 11.87 -10.11
N LEU A 151 -11.84 11.25 -9.07
CA LEU A 151 -11.28 11.38 -7.73
C LEU A 151 -9.84 10.92 -7.73
N LYS A 152 -8.95 11.69 -7.10
CA LYS A 152 -7.61 11.18 -6.83
C LYS A 152 -7.61 10.32 -5.57
N ARG A 153 -6.79 9.27 -5.59
CA ARG A 153 -6.71 8.33 -4.50
C ARG A 153 -5.28 8.23 -4.01
N LEU A 154 -5.12 7.97 -2.72
CA LEU A 154 -3.80 7.83 -2.09
C LEU A 154 -3.82 6.56 -1.26
N PRO A 155 -3.71 5.40 -1.90
CA PRO A 155 -3.74 4.14 -1.15
C PRO A 155 -2.36 3.74 -0.64
N MET A 156 -2.15 3.81 0.67
CA MET A 156 -0.86 3.50 1.26
C MET A 156 -0.93 2.20 2.06
N ASN A 157 0.25 1.61 2.25
CA ASN A 157 0.38 0.38 3.00
C ASN A 157 1.85 0.22 3.37
N GLY A 158 2.20 -0.94 3.94
CA GLY A 158 3.54 -1.15 4.43
C GLY A 158 3.93 -0.26 5.60
N VAL A 159 2.94 0.31 6.29
CA VAL A 159 3.21 1.22 7.40
C VAL A 159 2.60 0.76 8.72
N GLY A 160 1.65 -0.17 8.71
CA GLY A 160 1.16 -0.71 9.97
C GLY A 160 0.62 0.36 10.89
N CYS A 161 1.04 0.27 12.16
CA CYS A 161 0.43 1.06 13.23
C CYS A 161 0.60 2.56 13.04
N MET A 162 1.66 3.00 12.34
CA MET A 162 1.94 4.42 12.12
C MET A 162 1.02 5.05 11.07
N GLY A 163 0.23 4.23 10.36
CA GLY A 163 -0.46 4.71 9.17
C GLY A 163 -1.35 5.91 9.42
N GLY A 164 -2.13 5.87 10.51
CA GLY A 164 -2.99 6.98 10.87
C GLY A 164 -2.23 8.28 10.80
N ALA A 165 -1.19 8.40 11.62
CA ALA A 165 -0.45 9.66 11.62
C ALA A 165 0.21 9.85 10.28
N PHE A 166 0.76 8.76 9.72
CA PHE A 166 1.36 8.80 8.39
C PHE A 166 0.40 9.45 7.41
N GLY A 167 -0.86 9.00 7.43
CA GLY A 167 -1.81 9.49 6.44
C GLY A 167 -2.01 10.99 6.54
N ILE A 168 -2.17 11.48 7.78
CA ILE A 168 -2.39 12.91 7.97
C ILE A 168 -1.26 13.69 7.29
N SER A 169 -0.01 13.26 7.53
CA SER A 169 1.14 13.94 6.95
C SER A 169 1.03 13.97 5.43
N ARG A 170 0.76 12.81 4.83
CA ARG A 170 0.73 12.78 3.37
C ARG A 170 -0.35 13.69 2.85
N VAL A 171 -1.54 13.64 3.46
CA VAL A 171 -2.62 14.51 3.00
C VAL A 171 -2.24 15.95 3.25
N ALA A 172 -1.63 16.23 4.40
CA ALA A 172 -1.19 17.58 4.68
C ALA A 172 -0.28 18.06 3.57
N ASP A 173 0.72 17.24 3.20
CA ASP A 173 1.61 17.65 2.14
C ASP A 173 0.81 17.89 0.87
N TYR A 174 -0.14 16.99 0.57
CA TYR A 174 -0.92 17.15 -0.64
C TYR A 174 -1.61 18.51 -0.66
N LEU A 175 -2.20 18.92 0.48
CA LEU A 175 -3.03 20.11 0.44
C LEU A 175 -2.20 21.38 0.42
N LYS A 176 -0.87 21.30 0.59
CA LYS A 176 -0.05 22.50 0.48
C LYS A 176 -0.15 23.07 -0.94
N ALA A 177 -0.19 22.19 -1.93
CA ALA A 177 -0.29 22.56 -3.33
C ALA A 177 -1.72 22.60 -3.84
N HIS A 178 -2.70 22.26 -2.99
CA HIS A 178 -4.12 22.23 -3.39
C HIS A 178 -4.96 22.92 -2.33
N PRO A 179 -4.74 24.22 -2.11
CA PRO A 179 -5.35 24.88 -0.94
C PRO A 179 -6.84 25.10 -1.07
N LYS A 180 -7.41 24.91 -2.25
CA LYS A 180 -8.84 25.05 -2.46
C LYS A 180 -9.59 23.73 -2.27
N GLU A 181 -8.90 22.65 -1.95
CA GLU A 181 -9.49 21.32 -1.99
C GLU A 181 -9.84 20.79 -0.61
N ALA A 182 -10.72 19.78 -0.61
CA ALA A 182 -11.01 18.96 0.56
C ALA A 182 -10.51 17.54 0.32
N ALA A 183 -10.02 16.90 1.38
CA ALA A 183 -9.50 15.54 1.30
C ALA A 183 -9.98 14.75 2.51
N ILE A 184 -10.19 13.45 2.28
CA ILE A 184 -10.60 12.53 3.34
C ILE A 184 -9.53 11.45 3.47
N LEU A 185 -9.14 11.17 4.71
CA LEU A 185 -8.28 10.05 5.02
C LEU A 185 -9.09 9.06 5.84
N PHE A 186 -8.94 7.77 5.56
CA PHE A 186 -9.46 6.76 6.46
C PHE A 186 -8.40 5.69 6.70
N ALA A 187 -8.48 5.10 7.89
CA ALA A 187 -7.65 3.98 8.30
C ALA A 187 -8.61 2.93 8.86
N VAL A 188 -8.47 1.69 8.41
CA VAL A 188 -9.30 0.60 8.89
C VAL A 188 -8.42 -0.62 9.04
N GLU A 189 -8.52 -1.31 10.18
CA GLU A 189 -7.79 -2.55 10.35
C GLU A 189 -8.67 -3.66 10.91
N ILE A 190 -8.41 -4.87 10.41
CA ILE A 190 -9.06 -6.09 10.89
C ILE A 190 -8.01 -6.97 11.53
N SER A 191 -7.68 -6.69 12.79
CA SER A 191 -6.74 -7.54 13.52
C SER A 191 -7.36 -8.88 13.88
N SER A 192 -8.69 -8.94 13.99
CA SER A 192 -9.34 -10.20 14.33
C SER A 192 -9.13 -11.25 13.25
N ALA A 193 -8.66 -10.87 12.06
CA ALA A 193 -8.32 -11.88 11.07
C ALA A 193 -7.23 -12.81 11.56
N LEU A 194 -6.36 -12.33 12.47
CA LEU A 194 -5.36 -13.22 13.06
C LEU A 194 -6.02 -14.35 13.84
N TRP A 195 -7.21 -14.11 14.37
CA TRP A 195 -7.95 -15.13 15.10
C TRP A 195 -8.64 -16.12 14.17
N GLN A 196 -8.54 -15.94 12.86
CA GLN A 196 -9.15 -16.86 11.91
C GLN A 196 -8.20 -17.95 11.44
N GLY A 197 -7.24 -18.35 12.27
CA GLY A 197 -6.40 -19.50 11.97
C GLY A 197 -4.91 -19.29 12.16
N SER A 198 -4.41 -18.09 11.86
CA SER A 198 -2.98 -17.84 11.94
C SER A 198 -2.46 -18.04 13.36
N LEU A 199 -3.13 -17.43 14.34
CA LEU A 199 -2.73 -17.58 15.73
C LEU A 199 -2.76 -19.05 16.14
N GLN A 200 -3.82 -19.76 15.78
CA GLN A 200 -3.97 -21.15 16.17
C GLN A 200 -2.86 -22.03 15.58
N ALA A 201 -2.67 -21.95 14.26
CA ALA A 201 -1.67 -22.80 13.62
C ALA A 201 -0.28 -22.52 14.16
N ASN A 202 0.08 -21.22 14.23
CA ASN A 202 1.42 -20.89 14.69
C ASN A 202 1.62 -21.30 16.15
N LEU A 203 0.62 -21.06 17.00
CA LEU A 203 0.76 -21.39 18.42
C LEU A 203 0.90 -22.89 18.62
N THR A 204 0.13 -23.69 17.87
CA THR A 204 0.23 -25.14 18.00
C THR A 204 1.61 -25.63 17.61
N SER A 205 2.14 -25.15 16.47
CA SER A 205 3.49 -25.57 16.07
C SER A 205 4.55 -25.14 17.09
N LEU A 206 4.44 -23.91 17.59
CA LEU A 206 5.45 -23.40 18.49
C LEU A 206 5.47 -24.18 19.81
N ILE A 207 4.29 -24.40 20.41
CA ILE A 207 4.27 -25.17 21.65
C ILE A 207 4.69 -26.61 21.37
N ARG A 208 4.39 -27.13 20.17
CA ARG A 208 4.91 -28.42 19.76
C ARG A 208 6.43 -28.48 19.94
N ARG A 209 7.13 -27.47 19.46
CA ARG A 209 8.59 -27.52 19.48
C ARG A 209 9.22 -26.99 20.77
N LEU A 210 8.44 -26.40 21.68
CA LEU A 210 9.02 -25.85 22.92
C LEU A 210 9.89 -26.85 23.68
N PRO A 211 9.47 -28.10 23.92
CA PRO A 211 10.40 -29.02 24.61
C PRO A 211 11.54 -29.47 23.71
N GLU A 212 11.29 -29.61 22.41
CA GLU A 212 12.36 -29.90 21.46
C GLU A 212 13.41 -28.79 21.45
N ASN A 213 12.97 -27.55 21.57
CA ASN A 213 13.83 -26.38 21.37
C ASN A 213 13.29 -25.24 22.20
N PRO A 214 13.79 -25.06 23.42
CA PRO A 214 13.21 -24.03 24.32
C PRO A 214 13.36 -22.61 23.78
N SER A 215 14.29 -22.38 22.84
CA SER A 215 14.46 -21.08 22.21
C SER A 215 13.15 -20.45 21.77
N LEU A 216 12.18 -21.27 21.40
CA LEU A 216 10.92 -20.79 20.83
C LEU A 216 9.97 -20.25 21.88
N TYR A 217 10.30 -20.34 23.17
CA TYR A 217 9.45 -19.79 24.22
C TYR A 217 9.12 -18.33 23.95
N SER A 218 10.15 -17.52 23.67
CA SER A 218 9.95 -16.11 23.39
C SER A 218 9.05 -15.89 22.18
N GLU A 219 9.03 -16.83 21.24
CA GLU A 219 8.12 -16.70 20.11
C GLU A 219 6.67 -16.88 20.54
N ILE A 220 6.41 -17.84 21.42
CA ILE A 220 5.02 -18.06 21.83
C ILE A 220 4.51 -16.84 22.57
N ILE A 221 5.32 -16.30 23.48
CA ILE A 221 4.99 -15.06 24.15
C ILE A 221 4.58 -14.00 23.13
N MET A 222 5.36 -13.86 22.06
CA MET A 222 5.05 -12.85 21.06
C MET A 222 3.63 -13.07 20.53
N ASP A 223 3.33 -14.32 20.15
CA ASP A 223 2.02 -14.63 19.60
C ASP A 223 0.92 -14.42 20.62
N ILE A 224 1.22 -14.65 21.90
CA ILE A 224 0.23 -14.38 22.93
C ILE A 224 0.03 -12.87 23.07
N ILE A 225 1.13 -12.12 23.06
CA ILE A 225 1.03 -10.67 23.22
C ILE A 225 0.22 -10.07 22.07
N THR A 226 0.52 -10.51 20.85
CA THR A 226 -0.28 -10.12 19.70
C THR A 226 -1.74 -10.43 19.93
N ALA A 227 -2.02 -11.65 20.43
CA ALA A 227 -3.39 -12.05 20.72
C ALA A 227 -4.02 -11.14 21.77
N ALA A 228 -3.21 -10.65 22.70
CA ALA A 228 -3.76 -9.80 23.74
C ALA A 228 -3.95 -8.36 23.29
N LEU A 229 -3.37 -7.96 22.16
CA LEU A 229 -3.15 -6.55 21.89
C LEU A 229 -4.09 -5.95 20.86
N PHE A 230 -4.27 -6.62 19.73
CA PHE A 230 -4.74 -5.97 18.54
C PHE A 230 -6.24 -6.16 18.33
N ALA A 231 -6.89 -5.13 17.80
CA ALA A 231 -8.34 -5.10 17.67
C ALA A 231 -8.70 -4.47 16.34
N ASP A 232 -10.00 -4.41 16.07
CA ASP A 232 -10.49 -3.94 14.78
C ASP A 232 -11.10 -2.56 14.92
N GLY A 233 -10.96 -1.75 13.89
CA GLY A 233 -11.68 -0.49 13.87
C GLY A 233 -11.29 0.36 12.69
N CYS A 234 -12.01 1.48 12.55
CA CYS A 234 -11.74 2.42 11.49
C CYS A 234 -11.94 3.85 11.98
N GLY A 235 -11.06 4.74 11.56
CA GLY A 235 -11.22 6.16 11.79
C GLY A 235 -11.01 6.95 10.52
N ALA A 236 -11.65 8.11 10.47
CA ALA A 236 -11.69 8.94 9.27
C ALA A 236 -11.54 10.39 9.67
N VAL A 237 -11.02 11.20 8.75
CA VAL A 237 -10.76 12.61 9.04
C VAL A 237 -10.84 13.42 7.74
N LEU A 238 -11.53 14.55 7.82
CA LEU A 238 -11.67 15.48 6.72
C LEU A 238 -10.72 16.65 6.96
N MET A 239 -9.80 16.88 6.04
CA MET A 239 -8.95 18.06 6.14
C MET A 239 -9.09 18.89 4.87
N VAL A 240 -8.89 20.20 5.02
CA VAL A 240 -9.09 21.14 3.93
C VAL A 240 -7.88 22.04 3.83
N GLY A 241 -7.63 22.55 2.62
CA GLY A 241 -6.58 23.53 2.42
C GLY A 241 -7.00 24.93 2.84
N LYS A 242 -6.01 25.84 2.81
CA LYS A 242 -6.17 27.15 3.47
C LYS A 242 -7.33 27.94 2.89
N GLU A 243 -7.49 27.89 1.58
CA GLU A 243 -8.47 28.71 0.87
C GLU A 243 -9.84 28.05 0.81
N HIS A 244 -9.98 26.88 1.41
CA HIS A 244 -11.25 26.16 1.32
C HIS A 244 -12.30 26.83 2.20
N PRO A 245 -13.55 26.87 1.76
CA PRO A 245 -14.57 27.60 2.53
C PRO A 245 -14.75 27.09 3.96
N LEU A 246 -14.31 25.87 4.27
CA LEU A 246 -14.47 25.35 5.61
C LEU A 246 -13.27 25.63 6.51
N ALA A 247 -12.23 26.30 6.01
CA ALA A 247 -10.99 26.51 6.79
C ALA A 247 -11.15 27.77 7.64
N LYS A 248 -11.67 27.59 8.84
CA LYS A 248 -11.96 28.68 9.77
C LYS A 248 -10.96 28.69 10.91
N SER A 249 -10.93 29.82 11.62
CA SER A 249 -10.18 29.91 12.86
C SER A 249 -10.82 29.00 13.91
N GLY A 250 -9.99 28.57 14.86
CA GLY A 250 -10.45 27.62 15.86
C GLY A 250 -10.43 26.18 15.43
N LEU A 251 -9.98 25.89 14.20
CA LEU A 251 -9.81 24.51 13.80
C LEU A 251 -8.34 24.14 13.92
N PRO A 252 -8.03 22.90 14.30
CA PRO A 252 -6.62 22.47 14.37
C PRO A 252 -5.93 22.60 13.02
N GLN A 253 -4.79 23.28 13.02
CA GLN A 253 -3.97 23.46 11.85
C GLN A 253 -2.77 22.52 11.93
N VAL A 254 -2.51 21.79 10.84
CA VAL A 254 -1.29 21.00 10.68
C VAL A 254 -0.20 21.95 10.20
N ILE A 255 0.69 22.38 11.10
CA ILE A 255 1.72 23.32 10.66
C ILE A 255 3.01 22.64 10.20
N ASP A 256 3.30 21.43 10.67
CA ASP A 256 4.48 20.72 10.16
C ASP A 256 4.34 19.24 10.47
N ASN A 257 5.19 18.44 9.82
CA ASN A 257 5.27 17.02 10.14
C ASN A 257 6.64 16.51 9.74
N ARG A 258 6.99 15.32 10.23
CA ARG A 258 8.28 14.74 9.94
C ARG A 258 8.24 13.23 10.17
N SER A 259 9.08 12.52 9.41
CA SER A 259 9.26 11.08 9.48
C SER A 259 10.64 10.74 10.02
N PHE A 260 10.75 9.55 10.59
CA PHE A 260 12.02 9.04 11.08
C PHE A 260 12.02 7.53 10.97
N LEU A 261 13.13 6.96 10.53
CA LEU A 261 13.28 5.51 10.48
C LEU A 261 14.54 5.13 11.23
N VAL A 262 14.39 4.23 12.21
CA VAL A 262 15.47 3.74 13.05
C VAL A 262 16.25 2.69 12.28
N PRO A 263 17.51 2.93 11.93
CA PRO A 263 18.19 1.99 11.02
C PRO A 263 18.37 0.62 11.67
N ASN A 264 18.26 -0.42 10.84
CA ASN A 264 18.56 -1.80 11.19
C ASN A 264 17.61 -2.35 12.25
N THR A 265 16.32 -2.01 12.09
CA THR A 265 15.26 -2.46 12.99
C THR A 265 14.09 -3.07 12.22
N VAL A 266 14.30 -3.51 10.98
CA VAL A 266 13.20 -4.05 10.18
C VAL A 266 12.55 -5.19 10.93
N GLU A 267 13.36 -6.05 11.55
CA GLU A 267 12.90 -7.29 12.18
C GLU A 267 12.18 -7.07 13.51
N LEU A 268 12.17 -5.85 14.05
CA LEU A 268 11.52 -5.68 15.35
C LEU A 268 10.01 -5.64 15.23
N MET A 269 9.47 -5.12 14.13
CA MET A 269 8.02 -4.95 14.01
C MET A 269 7.61 -5.13 12.57
N GLY A 270 6.43 -5.70 12.38
CA GLY A 270 5.90 -5.84 11.04
C GLY A 270 4.81 -6.90 10.96
N LEU A 271 4.52 -7.31 9.72
CA LEU A 271 3.52 -8.33 9.45
C LEU A 271 4.08 -9.20 8.32
N ASP A 272 4.41 -10.44 8.64
CA ASP A 272 4.92 -11.38 7.65
C ASP A 272 3.77 -12.21 7.12
N VAL A 273 3.76 -12.45 5.82
CA VAL A 273 2.79 -13.37 5.26
C VAL A 273 3.37 -14.77 5.37
N VAL A 274 2.61 -15.67 5.99
CA VAL A 274 3.00 -17.07 6.18
C VAL A 274 2.00 -17.87 5.37
N ASP A 275 2.16 -19.20 5.32
CA ASP A 275 1.34 -20.00 4.41
C ASP A 275 -0.15 -19.92 4.77
N ASN A 276 -0.49 -20.18 6.04
CA ASN A 276 -1.90 -20.23 6.41
C ASN A 276 -2.50 -18.85 6.63
N GLY A 277 -1.69 -17.88 7.01
CA GLY A 277 -2.14 -16.51 7.13
C GLY A 277 -0.97 -15.58 7.40
N PHE A 278 -1.17 -14.62 8.27
CA PHE A 278 -0.12 -13.67 8.64
C PHE A 278 0.43 -14.01 10.01
N ARG A 279 1.65 -13.54 10.26
CA ARG A 279 2.17 -13.48 11.61
C ARG A 279 2.58 -12.05 11.92
N ASN A 280 2.23 -11.60 13.12
CA ASN A 280 2.53 -10.25 13.56
C ASN A 280 3.86 -10.25 14.31
N ILE A 281 4.74 -9.34 13.91
CA ILE A 281 6.05 -9.19 14.53
C ILE A 281 6.00 -7.99 15.45
N LEU A 282 6.21 -8.24 16.75
CA LEU A 282 6.32 -7.18 17.75
C LEU A 282 7.30 -7.69 18.81
N ARG A 283 8.56 -7.33 18.65
CA ARG A 283 9.59 -7.90 19.50
C ARG A 283 9.75 -7.08 20.78
N PRO A 284 10.18 -7.71 21.88
CA PRO A 284 10.30 -6.96 23.14
C PRO A 284 11.25 -5.79 23.04
N GLU A 285 12.16 -5.80 22.07
CA GLU A 285 13.13 -4.71 21.95
C GLU A 285 12.48 -3.39 21.56
N VAL A 286 11.27 -3.44 21.02
CA VAL A 286 10.62 -2.28 20.39
C VAL A 286 10.74 -1.03 21.25
N SER A 287 10.27 -1.10 22.50
CA SER A 287 10.21 0.11 23.33
C SER A 287 11.60 0.72 23.52
N ASP A 288 12.63 -0.12 23.65
CA ASP A 288 13.99 0.41 23.72
C ASP A 288 14.41 1.00 22.39
N ALA A 289 14.13 0.30 21.28
CA ALA A 289 14.50 0.77 19.95
C ALA A 289 13.86 2.12 19.65
N LEU A 290 12.61 2.32 20.09
CA LEU A 290 11.93 3.58 19.89
C LEU A 290 12.70 4.76 20.47
N LYS A 291 13.41 4.54 21.60
CA LYS A 291 14.17 5.64 22.20
C LYS A 291 15.16 6.23 21.21
N GLN A 292 15.63 5.44 20.26
CA GLN A 292 16.62 5.98 19.34
C GLN A 292 16.03 7.01 18.40
N GLY A 293 14.72 6.99 18.16
CA GLY A 293 14.15 7.86 17.16
C GLY A 293 13.26 8.97 17.71
N LEU A 294 12.65 8.72 18.88
CA LEU A 294 11.65 9.63 19.42
C LEU A 294 12.19 11.05 19.58
N ARG A 295 13.31 11.19 20.28
CA ARG A 295 13.81 12.55 20.56
C ARG A 295 14.36 13.23 19.33
N PRO A 296 15.26 12.65 18.54
CA PRO A 296 15.73 13.37 17.35
C PRO A 296 14.60 13.74 16.41
N LEU A 297 13.59 12.88 16.30
CA LEU A 297 12.42 13.21 15.48
C LEU A 297 11.72 14.45 16.02
N ILE A 298 11.29 14.38 17.27
CA ILE A 298 10.39 15.40 17.81
C ILE A 298 11.13 16.69 18.10
N ASN A 299 12.22 16.59 18.88
CA ASN A 299 13.00 17.79 19.18
C ASN A 299 13.45 18.49 17.91
N GLY A 300 13.80 17.72 16.87
CA GLY A 300 14.18 18.34 15.60
C GLY A 300 13.01 19.06 14.94
N LEU A 301 11.84 18.41 14.93
CA LEU A 301 10.66 19.06 14.36
C LEU A 301 10.35 20.36 15.08
N LEU A 302 10.19 20.27 16.41
CA LEU A 302 9.83 21.44 17.20
C LEU A 302 10.90 22.53 17.09
N ALA A 303 12.18 22.16 17.19
CA ALA A 303 13.24 23.13 16.98
C ALA A 303 13.07 23.84 15.63
N ASP A 304 12.77 23.10 14.57
CA ASP A 304 12.68 23.75 13.26
C ASP A 304 11.43 24.62 13.14
N ASN A 305 10.55 24.58 14.13
CA ASN A 305 9.41 25.48 14.26
C ASN A 305 9.53 26.38 15.50
N ASN A 306 10.74 26.51 16.04
CA ASN A 306 11.07 27.42 17.15
C ASN A 306 10.14 27.22 18.34
N ILE A 307 10.11 25.98 18.82
CA ILE A 307 9.22 25.58 19.90
C ILE A 307 9.90 24.43 20.64
N GLU A 308 9.59 24.31 21.92
CA GLU A 308 10.12 23.22 22.72
C GLU A 308 9.00 22.29 23.15
N SER A 309 9.39 21.04 23.46
CA SER A 309 8.43 20.00 23.79
C SER A 309 7.58 20.39 24.99
N GLU A 310 8.13 21.17 25.92
CA GLU A 310 7.36 21.71 27.02
C GLU A 310 6.28 22.69 26.57
N ASN A 311 6.42 23.31 25.38
CA ASN A 311 5.41 24.22 24.86
C ASN A 311 4.12 23.53 24.41
N LEU A 312 4.11 22.19 24.34
CA LEU A 312 2.95 21.48 23.80
C LEU A 312 1.83 21.44 24.83
N TYR A 313 0.64 21.86 24.42
CA TYR A 313 -0.52 21.71 25.31
C TYR A 313 -1.01 20.28 25.37
N ARG A 314 -1.03 19.58 24.23
CA ARG A 314 -1.51 18.19 24.22
C ARG A 314 -0.66 17.28 23.36
N TRP A 315 -0.49 16.04 23.82
CA TRP A 315 0.05 14.94 23.02
C TRP A 315 -1.07 13.98 22.66
N ILE A 316 -1.04 13.50 21.42
CA ILE A 316 -1.85 12.39 20.96
C ILE A 316 -0.86 11.34 20.48
N VAL A 317 -0.56 10.37 21.34
CA VAL A 317 0.51 9.40 21.09
C VAL A 317 -0.10 8.02 20.91
N HIS A 318 0.21 7.40 19.78
CA HIS A 318 -0.28 6.07 19.49
C HIS A 318 0.08 5.11 20.62
N PRO A 319 -0.89 4.42 21.24
CA PRO A 319 -0.55 3.47 22.33
C PRO A 319 -0.02 2.15 21.78
N GLY A 320 1.26 2.15 21.40
CA GLY A 320 1.87 0.89 21.02
C GLY A 320 1.67 -0.17 22.08
N GLY A 321 1.63 0.25 23.32
CA GLY A 321 1.40 -0.61 24.44
C GLY A 321 1.71 0.22 25.70
N PRO A 322 1.46 -0.32 26.90
CA PRO A 322 1.84 0.40 28.12
C PRO A 322 3.30 0.78 28.13
N LYS A 323 4.19 -0.12 27.68
CA LYS A 323 5.63 0.17 27.66
C LYS A 323 5.98 1.30 26.70
N VAL A 324 5.34 1.33 25.53
CA VAL A 324 5.58 2.42 24.57
C VAL A 324 5.21 3.75 25.18
N ILE A 325 4.01 3.81 25.81
CA ILE A 325 3.56 5.03 26.44
C ILE A 325 4.53 5.46 27.54
N ASP A 326 4.95 4.50 28.37
CA ASP A 326 5.87 4.80 29.45
C ASP A 326 7.18 5.35 28.90
N THR A 327 7.65 4.79 27.79
CA THR A 327 8.90 5.24 27.18
C THR A 327 8.79 6.68 26.71
N VAL A 328 7.68 7.04 26.06
CA VAL A 328 7.49 8.43 25.65
C VAL A 328 7.45 9.35 26.87
N GLU A 329 6.72 8.92 27.90
CA GLU A 329 6.65 9.67 29.15
C GLU A 329 8.03 9.96 29.72
N ALA A 330 8.85 8.91 29.85
CA ALA A 330 10.18 9.06 30.41
C ALA A 330 11.08 9.89 29.49
N GLU A 331 11.03 9.62 28.18
CA GLU A 331 11.93 10.31 27.27
C GLU A 331 11.68 11.81 27.24
N PHE A 332 10.44 12.26 27.44
CA PHE A 332 10.18 13.70 27.37
C PHE A 332 9.88 14.33 28.72
N GLY A 333 10.07 13.60 29.82
CA GLY A 333 9.85 14.17 31.14
C GLY A 333 8.43 14.61 31.36
N LEU A 334 7.48 13.81 30.90
CA LEU A 334 6.09 14.25 30.91
C LEU A 334 5.44 13.93 32.24
N ASP A 335 4.45 14.75 32.59
CA ASP A 335 3.60 14.47 33.74
C ASP A 335 2.82 13.19 33.51
N SER A 336 2.58 12.46 34.60
CA SER A 336 1.92 11.17 34.54
C SER A 336 0.49 11.24 34.01
N GLN A 337 -0.07 12.43 33.82
CA GLN A 337 -1.38 12.54 33.19
C GLN A 337 -1.29 12.94 31.73
N THR A 338 -0.11 13.34 31.25
CA THR A 338 -0.02 13.92 29.92
C THR A 338 -0.40 12.93 28.83
N LEU A 339 -0.14 11.64 29.04
CA LEU A 339 -0.44 10.60 28.05
C LEU A 339 -1.65 9.76 28.46
N GLN A 340 -2.55 10.31 29.28
CA GLN A 340 -3.67 9.49 29.75
C GLN A 340 -4.60 9.11 28.63
N LEU A 341 -4.69 9.93 27.59
CA LEU A 341 -5.55 9.59 26.45
C LEU A 341 -5.05 8.30 25.79
N SER A 342 -3.73 8.10 25.76
CA SER A 342 -3.19 6.87 25.16
C SER A 342 -3.66 5.65 25.92
N ARG A 343 -3.51 5.67 27.25
CA ARG A 343 -3.94 4.57 28.10
C ARG A 343 -5.45 4.39 28.09
N ASP A 344 -6.21 5.50 28.10
CA ASP A 344 -7.66 5.45 28.03
C ASP A 344 -8.14 4.78 26.75
N THR A 345 -7.59 5.22 25.61
CA THR A 345 -7.96 4.65 24.32
C THR A 345 -7.65 3.15 24.31
N LEU A 346 -6.43 2.80 24.71
CA LEU A 346 -6.04 1.39 24.75
C LEU A 346 -6.95 0.60 25.68
N ALA A 347 -7.43 1.22 26.76
CA ALA A 347 -8.31 0.52 27.69
C ALA A 347 -9.66 0.22 27.05
N GLU A 348 -10.18 1.14 26.24
CA GLU A 348 -11.54 0.95 25.75
C GLU A 348 -11.63 0.19 24.42
N VAL A 349 -10.67 0.35 23.50
CA VAL A 349 -10.74 -0.35 22.23
C VAL A 349 -9.53 -1.23 21.95
N GLY A 350 -8.57 -1.31 22.88
CA GLY A 350 -7.38 -2.05 22.54
C GLY A 350 -6.56 -1.28 21.52
N ASN A 351 -5.67 -2.01 20.86
CA ASN A 351 -4.80 -1.43 19.83
C ASN A 351 -5.44 -1.69 18.47
N ILE A 352 -6.05 -0.66 17.90
CA ILE A 352 -6.66 -0.77 16.58
C ILE A 352 -5.73 -0.23 15.49
N SER A 353 -4.42 -0.25 15.76
CA SER A 353 -3.35 -0.02 14.79
C SER A 353 -3.53 1.36 14.15
N SER A 354 -3.51 1.46 12.83
CA SER A 354 -3.42 2.75 12.17
C SER A 354 -4.58 3.66 12.52
N ALA A 355 -5.74 3.09 12.89
CA ALA A 355 -6.91 3.89 13.24
C ALA A 355 -6.83 4.51 14.63
N THR A 356 -5.99 3.97 15.53
CA THR A 356 -6.03 4.39 16.92
C THR A 356 -5.88 5.91 17.06
N VAL A 357 -4.84 6.48 16.45
CA VAL A 357 -4.60 7.91 16.60
C VAL A 357 -5.81 8.70 16.09
N LEU A 358 -6.39 8.27 14.97
CA LEU A 358 -7.57 8.98 14.46
C LEU A 358 -8.69 8.94 15.48
N TYR A 359 -8.94 7.77 16.06
CA TYR A 359 -9.93 7.65 17.12
C TYR A 359 -9.60 8.60 18.27
N MET A 360 -8.34 8.64 18.67
CA MET A 360 -7.93 9.55 19.74
C MET A 360 -8.17 10.99 19.30
N LEU A 361 -7.77 11.33 18.07
CA LEU A 361 -8.00 12.69 17.62
C LEU A 361 -9.48 12.99 17.66
N ASP A 362 -10.29 11.99 17.29
CA ASP A 362 -11.72 12.19 17.33
C ASP A 362 -12.17 12.55 18.74
N LYS A 363 -11.75 11.76 19.73
CA LYS A 363 -12.11 12.07 21.11
C LYS A 363 -11.74 13.51 21.43
N VAL A 364 -10.50 13.90 21.09
CA VAL A 364 -10.04 15.23 21.47
C VAL A 364 -10.90 16.31 20.83
N LEU A 365 -11.29 16.09 19.58
CA LEU A 365 -12.08 17.12 18.91
C LEU A 365 -13.52 17.17 19.42
N SER A 366 -14.03 16.06 19.93
CA SER A 366 -15.46 15.98 20.20
C SER A 366 -15.82 16.23 21.64
N GLU A 367 -14.91 15.96 22.57
CA GLU A 367 -15.27 16.11 23.97
C GLU A 367 -14.17 16.73 24.84
N GLU A 368 -13.11 17.28 24.25
CA GLU A 368 -12.08 17.97 25.01
C GLU A 368 -11.93 19.40 24.52
N GLN A 369 -11.37 20.24 25.40
CA GLN A 369 -11.30 21.68 25.18
C GLN A 369 -9.85 22.09 24.93
N SER A 370 -9.63 22.85 23.86
CA SER A 370 -8.30 23.28 23.45
C SER A 370 -8.19 24.80 23.48
N PRO A 371 -7.28 25.35 24.26
CA PRO A 371 -7.06 26.79 24.27
C PRO A 371 -6.64 27.29 22.90
N PRO A 372 -7.13 28.46 22.48
CA PRO A 372 -6.69 29.03 21.20
C PRO A 372 -5.18 29.17 21.13
N ASP A 373 -4.64 28.87 19.95
CA ASP A 373 -3.23 28.97 19.59
C ASP A 373 -2.35 28.01 20.37
N SER A 374 -2.94 27.04 21.09
CA SER A 374 -2.14 26.03 21.76
C SER A 374 -1.59 25.04 20.75
N TYR A 375 -0.63 24.25 21.20
CA TYR A 375 0.08 23.29 20.36
C TYR A 375 -0.23 21.86 20.77
N GLY A 376 -0.42 21.01 19.77
CA GLY A 376 -0.57 19.60 19.99
C GLY A 376 0.42 18.86 19.10
N LEU A 377 0.64 17.59 19.44
CA LEU A 377 1.59 16.77 18.72
C LEU A 377 1.03 15.37 18.56
N ILE A 378 0.81 14.94 17.32
CA ILE A 378 0.45 13.57 17.03
C ILE A 378 1.73 12.77 16.82
N VAL A 379 1.85 11.63 17.51
CA VAL A 379 3.04 10.80 17.45
C VAL A 379 2.61 9.36 17.24
N ALA A 380 3.23 8.69 16.27
CA ALA A 380 2.94 7.27 16.05
C ALA A 380 4.22 6.53 15.69
N MET A 381 4.22 5.24 15.99
CA MET A 381 5.31 4.35 15.69
C MET A 381 4.76 3.11 15.00
N GLY A 382 5.64 2.40 14.30
CA GLY A 382 5.24 1.22 13.59
C GLY A 382 6.40 0.59 12.84
N PRO A 383 6.07 -0.33 11.93
CA PRO A 383 7.11 -1.10 11.22
C PRO A 383 8.10 -0.19 10.52
N GLY A 384 9.36 -0.66 10.49
CA GLY A 384 10.46 0.00 9.82
C GLY A 384 11.82 -0.06 10.50
N LEU A 385 11.94 0.14 11.82
CA LEU A 385 10.96 0.76 12.71
C LEU A 385 10.85 2.25 12.47
N ALA A 386 9.65 2.74 12.16
CA ALA A 386 9.49 4.13 11.75
C ALA A 386 8.53 4.85 12.69
N GLN A 387 8.78 6.14 12.86
CA GLN A 387 7.93 7.01 13.64
C GLN A 387 7.56 8.24 12.83
N GLU A 388 6.36 8.74 13.08
CA GLU A 388 5.82 9.94 12.48
C GLU A 388 5.42 10.92 13.58
N ALA A 389 5.62 12.20 13.30
CA ALA A 389 5.35 13.28 14.25
C ALA A 389 4.69 14.41 13.49
N ILE A 390 3.57 14.90 14.00
CA ILE A 390 2.79 15.94 13.34
C ILE A 390 2.47 17.03 14.34
N LEU A 391 2.79 18.27 14.00
CA LEU A 391 2.60 19.41 14.88
C LEU A 391 1.29 20.13 14.55
N LEU A 392 0.36 20.10 15.49
CA LEU A 392 -0.94 20.77 15.37
C LEU A 392 -0.95 22.09 16.14
N LYS A 393 -1.81 23.00 15.68
CA LYS A 393 -1.97 24.32 16.28
C LYS A 393 -3.45 24.71 16.30
N TRP A 394 -3.97 25.06 17.46
CA TRP A 394 -5.37 25.50 17.58
C TRP A 394 -5.52 27.01 17.59
N MET B 22 6.40 23.67 -12.99
CA MET B 22 5.93 22.29 -12.97
C MET B 22 7.04 21.33 -12.58
N THR B 23 6.78 20.03 -12.73
CA THR B 23 7.67 18.98 -12.27
C THR B 23 8.40 18.35 -13.46
N TYR B 24 9.71 18.18 -13.32
CA TYR B 24 10.56 17.62 -14.37
C TYR B 24 10.87 16.16 -14.09
N ILE B 25 10.95 15.37 -15.17
CA ILE B 25 11.52 14.03 -15.14
C ILE B 25 12.93 14.12 -15.69
N VAL B 26 13.92 13.83 -14.85
CA VAL B 26 15.31 14.02 -15.24
C VAL B 26 15.99 12.73 -15.64
N SER B 27 15.58 11.59 -15.10
CA SER B 27 16.29 10.35 -15.41
C SER B 27 15.46 9.16 -14.98
N THR B 28 15.85 8.00 -15.49
CA THR B 28 15.18 6.73 -15.27
C THR B 28 16.23 5.62 -15.27
N SER B 29 15.84 4.46 -14.75
CA SER B 29 16.71 3.30 -14.76
C SER B 29 15.88 2.04 -14.64
N THR B 30 16.46 0.91 -15.02
CA THR B 30 15.77 -0.35 -14.88
C THR B 30 16.65 -1.33 -14.13
N ALA B 31 16.03 -2.43 -13.71
CA ALA B 31 16.76 -3.55 -13.13
C ALA B 31 15.95 -4.82 -13.31
N PHE B 32 16.63 -5.87 -13.76
CA PHE B 32 15.99 -7.14 -14.05
C PHE B 32 16.76 -8.29 -13.42
N PRO B 33 16.09 -9.40 -13.15
CA PRO B 33 16.76 -10.58 -12.58
C PRO B 33 17.76 -11.22 -13.52
N GLU B 34 18.44 -12.26 -13.02
CA GLU B 34 19.54 -12.86 -13.77
C GLU B 34 19.06 -13.71 -14.94
N ASN B 35 17.91 -14.35 -14.82
CA ASN B 35 17.47 -15.35 -15.77
C ASN B 35 16.39 -14.81 -16.70
N TYR B 36 16.61 -14.95 -18.01
CA TYR B 36 15.65 -14.56 -19.03
C TYR B 36 15.21 -15.83 -19.75
N TYR B 37 13.97 -16.22 -19.55
CA TYR B 37 13.45 -17.42 -20.18
C TYR B 37 12.73 -17.06 -21.47
N PRO B 38 13.00 -17.75 -22.57
CA PRO B 38 12.16 -17.59 -23.76
C PRO B 38 10.73 -18.01 -23.47
N GLN B 39 9.78 -17.39 -24.17
CA GLN B 39 8.38 -17.75 -23.98
C GLN B 39 8.12 -19.21 -24.32
N THR B 40 8.89 -19.77 -25.27
CA THR B 40 8.72 -21.17 -25.62
C THR B 40 9.10 -22.08 -24.46
N VAL B 41 10.17 -21.72 -23.74
CA VAL B 41 10.56 -22.53 -22.58
C VAL B 41 9.49 -22.46 -21.50
N LEU B 42 8.97 -21.27 -21.21
CA LEU B 42 7.96 -21.13 -20.17
C LEU B 42 6.67 -21.88 -20.53
N ALA B 43 6.25 -21.77 -21.79
CA ALA B 43 5.10 -22.55 -22.24
C ALA B 43 5.36 -24.03 -22.08
N ALA B 44 6.56 -24.50 -22.46
CA ALA B 44 6.88 -25.92 -22.31
C ALA B 44 6.87 -26.33 -20.85
N ALA B 45 7.34 -25.44 -19.96
CA ALA B 45 7.30 -25.73 -18.54
C ALA B 45 5.88 -25.98 -18.06
N LEU B 46 4.95 -25.12 -18.47
CA LEU B 46 3.57 -25.32 -18.05
C LEU B 46 2.99 -26.60 -18.65
N ARG B 47 3.29 -26.88 -19.92
CA ARG B 47 2.80 -28.12 -20.52
C ARG B 47 3.36 -29.33 -19.80
N ARG B 48 4.62 -29.27 -19.39
CA ARG B 48 5.24 -30.34 -18.61
C ARG B 48 4.46 -30.58 -17.33
N PHE B 49 4.15 -29.50 -16.61
CA PHE B 49 3.36 -29.64 -15.38
C PHE B 49 1.99 -30.23 -15.67
N PHE B 50 1.35 -29.82 -16.75
CA PHE B 50 0.06 -30.39 -17.11
C PHE B 50 0.18 -31.90 -17.32
N THR B 51 1.23 -32.31 -18.04
CA THR B 51 1.33 -33.71 -18.48
C THR B 51 1.72 -34.62 -17.33
N VAL B 52 2.63 -34.18 -16.45
CA VAL B 52 3.06 -35.03 -15.35
C VAL B 52 1.91 -35.27 -14.38
N MET B 53 1.06 -34.27 -14.18
CA MET B 53 -0.13 -34.42 -13.36
C MET B 53 -1.26 -35.14 -14.10
N GLU B 54 -1.12 -35.35 -15.41
CA GLU B 54 -2.17 -35.91 -16.25
C GLU B 54 -3.50 -35.16 -16.04
N LEU B 55 -3.48 -33.89 -16.40
CA LEU B 55 -4.67 -33.05 -16.30
C LEU B 55 -5.43 -33.10 -17.62
N ASP B 56 -6.74 -33.35 -17.54
CA ASP B 56 -7.56 -33.50 -18.74
C ASP B 56 -7.96 -32.12 -19.26
N PHE B 57 -7.04 -31.51 -20.01
CA PHE B 57 -7.26 -30.23 -20.65
C PHE B 57 -6.40 -30.17 -21.89
N ASP B 58 -6.92 -29.54 -22.95
CA ASP B 58 -6.21 -29.47 -24.22
C ASP B 58 -4.96 -28.61 -24.07
N LEU B 59 -3.79 -29.26 -24.15
CA LEU B 59 -2.53 -28.55 -23.95
C LEU B 59 -2.23 -27.55 -25.06
N GLU B 60 -2.86 -27.69 -26.23
CA GLU B 60 -2.66 -26.71 -27.28
C GLU B 60 -3.22 -25.34 -26.92
N GLN B 61 -4.07 -25.24 -25.89
CA GLN B 61 -4.47 -23.93 -25.39
C GLN B 61 -3.32 -23.23 -24.68
N ILE B 62 -2.34 -23.97 -24.18
CA ILE B 62 -1.19 -23.30 -23.57
C ILE B 62 -0.43 -22.52 -24.63
N ASP B 63 0.09 -23.24 -25.64
CA ASP B 63 0.83 -22.60 -26.71
C ASP B 63 0.09 -21.40 -27.26
N ARG B 64 -1.17 -21.61 -27.67
CA ARG B 64 -2.02 -20.53 -28.18
C ARG B 64 -1.88 -19.26 -27.35
N PHE B 65 -2.20 -19.34 -26.06
CA PHE B 65 -2.22 -18.11 -25.29
C PHE B 65 -0.82 -17.64 -24.94
N PHE B 66 0.15 -18.53 -24.86
CA PHE B 66 1.52 -18.06 -24.70
C PHE B 66 2.02 -17.43 -25.99
N THR B 67 1.48 -17.87 -27.14
CA THR B 67 1.90 -17.28 -28.41
C THR B 67 1.17 -15.98 -28.70
N ASN B 68 -0.14 -15.96 -28.42
CA ASN B 68 -0.98 -14.82 -28.73
C ASN B 68 -0.67 -13.59 -27.89
N VAL B 69 0.02 -13.75 -26.76
CA VAL B 69 0.31 -12.55 -25.96
C VAL B 69 1.44 -11.74 -26.56
N LYS B 70 2.19 -12.30 -27.51
CA LYS B 70 3.23 -11.59 -28.27
C LYS B 70 4.38 -11.16 -27.37
N ILE B 71 4.83 -12.10 -26.53
CA ILE B 71 5.98 -11.95 -25.66
C ILE B 71 7.03 -12.96 -26.13
N ASP B 72 8.23 -12.50 -26.40
CA ASP B 72 9.25 -13.44 -26.85
C ASP B 72 10.04 -14.05 -25.69
N GLY B 73 10.00 -13.44 -24.51
CA GLY B 73 10.74 -13.92 -23.35
C GLY B 73 10.44 -13.02 -22.17
N ARG B 74 10.84 -13.52 -20.98
CA ARG B 74 10.53 -12.84 -19.73
C ARG B 74 11.60 -13.13 -18.69
N TYR B 75 11.94 -12.12 -17.89
CA TYR B 75 12.81 -12.32 -16.74
C TYR B 75 11.99 -12.88 -15.57
N PHE B 76 12.50 -13.94 -14.94
CA PHE B 76 11.89 -14.55 -13.78
C PHE B 76 12.87 -14.49 -12.63
N ALA B 77 12.56 -13.69 -11.60
CA ALA B 77 13.41 -13.66 -10.42
C ALA B 77 13.44 -15.00 -9.71
N LEU B 78 12.33 -15.72 -9.71
CA LEU B 78 12.21 -16.91 -8.88
C LEU B 78 12.38 -18.18 -9.71
N PRO B 79 12.88 -19.26 -9.08
CA PRO B 79 13.12 -20.51 -9.81
C PRO B 79 11.94 -21.00 -10.63
N LEU B 80 12.25 -21.46 -11.83
CA LEU B 80 11.27 -22.09 -12.71
C LEU B 80 11.05 -23.57 -12.39
N LEU B 83 6.13 -25.87 -11.99
CA LEU B 83 7.03 -26.31 -10.92
C LEU B 83 6.39 -27.42 -10.11
N LEU B 84 7.14 -28.48 -9.88
CA LEU B 84 6.60 -29.70 -9.29
C LEU B 84 6.59 -29.65 -7.76
N PRO B 86 6.15 -27.21 -5.28
CA PRO B 86 6.38 -25.85 -4.76
C PRO B 86 6.94 -25.84 -3.36
N PRO B 87 7.79 -24.87 -3.05
CA PRO B 87 8.21 -24.64 -1.67
C PRO B 87 7.09 -23.96 -0.89
N THR B 88 7.39 -23.63 0.36
CA THR B 88 6.41 -22.99 1.22
C THR B 88 6.04 -21.61 0.69
N TRP B 89 4.82 -21.19 0.97
CA TRP B 89 4.37 -19.86 0.57
C TRP B 89 5.12 -18.77 1.33
N GLY B 90 5.35 -18.97 2.63
CA GLY B 90 6.16 -18.03 3.37
C GLY B 90 7.55 -17.89 2.78
N VAL B 91 8.14 -19.02 2.35
CA VAL B 91 9.47 -19.02 1.77
C VAL B 91 9.47 -18.32 0.42
N SER B 92 8.44 -18.59 -0.38
CA SER B 92 8.30 -17.89 -1.66
C SER B 92 8.17 -16.38 -1.44
N ILE B 93 7.40 -15.96 -0.44
CA ILE B 93 7.27 -14.52 -0.23
C ILE B 93 8.58 -13.93 0.27
N SER B 94 9.31 -14.66 1.12
CA SER B 94 10.63 -14.20 1.55
C SER B 94 11.52 -13.96 0.34
N ARG B 95 11.52 -14.91 -0.59
CA ARG B 95 12.37 -14.78 -1.77
C ARG B 95 11.90 -13.63 -2.65
N GLY B 96 10.59 -13.47 -2.81
CA GLY B 96 10.09 -12.34 -3.56
C GLY B 96 10.49 -11.02 -2.94
N LEU B 97 10.38 -10.91 -1.62
CA LEU B 97 10.77 -9.71 -0.89
C LEU B 97 12.23 -9.39 -1.10
N GLU B 98 13.10 -10.38 -0.91
CA GLU B 98 14.53 -10.13 -1.06
C GLU B 98 14.89 -9.77 -2.51
N ASN B 99 14.24 -10.41 -3.48
CA ASN B 99 14.54 -10.07 -4.87
C ASN B 99 14.05 -8.67 -5.23
N SER B 100 12.87 -8.28 -4.73
CA SER B 100 12.36 -6.94 -4.93
C SER B 100 13.30 -5.89 -4.35
N LEU B 101 13.76 -6.11 -3.12
CA LEU B 101 14.79 -5.26 -2.52
C LEU B 101 16.03 -5.16 -3.41
N ASN B 102 16.53 -6.30 -3.90
CA ASN B 102 17.74 -6.29 -4.72
C ASN B 102 17.54 -5.47 -5.99
N LEU B 103 16.41 -5.68 -6.67
CA LEU B 103 16.13 -4.97 -7.91
C LEU B 103 16.03 -3.48 -7.67
N ALA B 104 15.26 -3.09 -6.65
CA ALA B 104 15.05 -1.68 -6.36
C ALA B 104 16.37 -1.02 -5.97
N GLU B 105 17.20 -1.70 -5.18
CA GLU B 105 18.48 -1.11 -4.84
C GLU B 105 19.34 -0.93 -6.08
N THR B 106 19.39 -1.94 -6.96
CA THR B 106 20.18 -1.80 -8.18
C THR B 106 19.71 -0.61 -9.00
N ALA B 107 18.39 -0.52 -9.23
CA ALA B 107 17.85 0.57 -10.03
C ALA B 107 18.10 1.92 -9.38
N ILE B 108 17.87 2.03 -8.07
CA ILE B 108 18.05 3.30 -7.37
C ILE B 108 19.49 3.73 -7.45
N THR B 109 20.41 2.80 -7.18
CA THR B 109 21.83 3.16 -7.20
C THR B 109 22.26 3.59 -8.59
N LYS B 110 21.77 2.92 -9.64
CA LYS B 110 22.07 3.36 -11.00
C LYS B 110 21.54 4.77 -11.27
N LEU B 111 20.29 5.02 -10.89
CA LEU B 111 19.72 6.35 -11.04
C LEU B 111 20.59 7.42 -10.37
N LEU B 112 20.98 7.16 -9.11
CA LEU B 112 21.77 8.14 -8.37
C LEU B 112 23.13 8.35 -8.99
N GLU B 113 23.79 7.26 -9.41
CA GLU B 113 25.12 7.39 -9.99
C GLU B 113 25.06 8.13 -11.32
N LYS B 114 24.10 7.80 -12.17
CA LYS B 114 24.03 8.45 -13.47
C LYS B 114 23.67 9.93 -13.35
N THR B 115 22.96 10.34 -12.28
CA THR B 115 22.73 11.76 -12.09
C THR B 115 23.76 12.46 -11.20
N ASN B 116 24.68 11.73 -10.57
CA ASN B 116 25.56 12.28 -9.53
C ASN B 116 24.73 12.97 -8.44
N VAL B 117 23.70 12.27 -7.97
CA VAL B 117 22.82 12.76 -6.91
C VAL B 117 23.08 11.96 -5.63
N GLN B 118 23.36 12.67 -4.54
CA GLN B 118 23.60 12.01 -3.28
C GLN B 118 22.28 11.55 -2.67
N PRO B 119 22.23 10.36 -2.06
CA PRO B 119 20.97 9.90 -1.45
C PRO B 119 20.47 10.84 -0.39
N GLN B 120 21.38 11.49 0.35
CA GLN B 120 20.99 12.49 1.33
C GLN B 120 20.26 13.67 0.68
N ASP B 121 20.46 13.90 -0.61
CA ASP B 121 19.80 15.01 -1.29
C ASP B 121 18.43 14.61 -1.88
N ILE B 122 17.96 13.38 -1.63
CA ILE B 122 16.64 12.96 -2.05
C ILE B 122 15.64 13.26 -0.94
N SER B 123 14.54 13.94 -1.27
CA SER B 123 13.55 14.29 -0.26
C SER B 123 12.43 13.28 -0.14
N LEU B 124 12.05 12.62 -1.23
CA LEU B 124 10.95 11.67 -1.15
C LEU B 124 11.29 10.36 -1.85
N LEU B 125 10.91 9.23 -1.26
CA LEU B 125 11.01 7.93 -1.94
C LEU B 125 9.62 7.32 -2.00
N ALA B 126 9.08 7.21 -3.21
CA ALA B 126 7.80 6.57 -3.45
C ALA B 126 8.01 5.20 -4.07
N SER B 127 7.19 4.26 -3.66
CA SER B 127 7.30 2.88 -4.12
C SER B 127 5.93 2.36 -4.54
N VAL B 128 5.91 1.53 -5.58
CA VAL B 128 4.74 0.72 -5.87
C VAL B 128 5.18 -0.71 -6.16
N SER B 129 4.48 -1.67 -5.58
CA SER B 129 4.75 -3.09 -5.73
C SER B 129 3.62 -3.90 -5.11
N MET B 130 3.32 -5.02 -5.73
CA MET B 130 2.35 -5.93 -5.14
C MET B 130 2.99 -6.94 -4.20
N THR B 131 4.32 -7.02 -4.18
CA THR B 131 5.03 -7.85 -3.21
C THR B 131 4.66 -7.40 -1.79
N PRO B 132 4.03 -8.25 -0.98
CA PRO B 132 3.63 -7.82 0.37
C PRO B 132 4.85 -7.50 1.21
N ALA B 133 4.81 -6.34 1.86
CA ALA B 133 5.98 -5.84 2.56
C ALA B 133 5.52 -4.91 3.68
N ILE B 134 5.49 -5.43 4.91
CA ILE B 134 5.19 -4.64 6.08
C ILE B 134 6.33 -4.83 7.07
N PRO B 135 7.24 -3.86 7.22
CA PRO B 135 7.31 -2.55 6.57
C PRO B 135 7.57 -2.63 5.06
N SER B 136 7.21 -1.55 4.38
CA SER B 136 7.32 -1.43 2.93
C SER B 136 8.76 -1.55 2.43
N LEU B 137 8.87 -1.84 1.13
CA LEU B 137 10.17 -1.94 0.46
C LEU B 137 11.00 -0.67 0.62
N ASP B 138 10.35 0.50 0.49
CA ASP B 138 11.09 1.75 0.57
C ASP B 138 11.71 1.93 1.96
N GLY B 139 10.98 1.58 3.00
CA GLY B 139 11.57 1.62 4.34
C GLY B 139 12.79 0.73 4.48
N ARG B 140 12.71 -0.51 3.98
CA ARG B 140 13.83 -1.43 4.12
C ARG B 140 15.03 -0.97 3.32
N LEU B 141 14.81 -0.24 2.22
CA LEU B 141 15.94 0.24 1.41
C LEU B 141 16.78 1.28 2.13
N MET B 142 16.20 2.01 3.09
CA MET B 142 16.99 3.00 3.81
C MET B 142 18.17 2.36 4.54
N ASN B 143 18.11 1.05 4.80
CA ASN B 143 19.25 0.32 5.35
C ASN B 143 20.26 -0.11 4.29
N ARG B 144 19.93 -0.01 3.01
CA ARG B 144 20.87 -0.36 1.96
C ARG B 144 21.56 0.85 1.36
N ILE B 145 20.87 1.98 1.34
CA ILE B 145 21.34 3.19 0.69
C ILE B 145 21.31 4.29 1.74
N PRO B 146 22.32 5.14 1.82
CA PRO B 146 22.35 6.11 2.93
C PRO B 146 21.40 7.28 2.73
N PHE B 147 20.11 7.00 2.63
CA PHE B 147 19.13 8.07 2.72
C PHE B 147 19.16 8.63 4.14
N SER B 148 18.81 9.90 4.28
CA SER B 148 18.74 10.47 5.62
C SER B 148 17.59 9.81 6.38
N SER B 149 17.75 9.73 7.69
CA SER B 149 16.77 9.04 8.55
C SER B 149 15.39 9.68 8.50
N THR B 150 15.28 10.91 8.00
CA THR B 150 14.00 11.60 7.91
C THR B 150 13.44 11.61 6.50
N LEU B 151 13.87 10.68 5.66
CA LEU B 151 13.36 10.59 4.30
C LEU B 151 11.83 10.49 4.32
N LYS B 152 11.16 11.36 3.57
CA LYS B 152 9.75 11.18 3.30
C LYS B 152 9.54 9.93 2.48
N ARG B 153 8.50 9.15 2.81
CA ARG B 153 8.19 7.93 2.09
C ARG B 153 6.75 7.98 1.58
N LEU B 154 6.53 7.38 0.42
CA LEU B 154 5.19 7.28 -0.19
C LEU B 154 5.02 5.85 -0.68
N PRO B 155 4.71 4.90 0.24
CA PRO B 155 4.58 3.50 -0.16
C PRO B 155 3.16 3.16 -0.58
N MET B 156 2.97 2.77 -1.83
CA MET B 156 1.65 2.63 -2.42
C MET B 156 1.41 1.19 -2.85
N ASN B 157 0.13 0.82 -2.90
CA ASN B 157 -0.26 -0.54 -3.29
C ASN B 157 -1.73 -0.50 -3.68
N GLY B 158 -2.27 -1.68 -4.01
CA GLY B 158 -3.64 -1.75 -4.46
C GLY B 158 -3.88 -1.23 -5.86
N VAL B 159 -2.82 -1.01 -6.63
CA VAL B 159 -2.95 -0.37 -7.93
C VAL B 159 -2.49 -1.25 -9.09
N GLY B 160 -1.79 -2.35 -8.83
CA GLY B 160 -1.39 -3.24 -9.91
C GLY B 160 -0.59 -2.52 -10.98
N CYS B 161 -0.90 -2.84 -12.24
CA CYS B 161 -0.12 -2.38 -13.38
C CYS B 161 -0.24 -0.89 -13.62
N MET B 162 -1.18 -0.21 -12.96
CA MET B 162 -1.29 1.24 -13.06
C MET B 162 -0.21 1.96 -12.25
N GLY B 163 0.47 1.23 -11.35
CA GLY B 163 1.26 1.88 -10.31
C GLY B 163 2.31 2.83 -10.86
N GLY B 164 3.07 2.38 -11.86
CA GLY B 164 4.06 3.24 -12.48
C GLY B 164 3.48 4.58 -12.84
N ALA B 165 2.46 4.57 -13.71
CA ALA B 165 1.85 5.84 -14.09
C ALA B 165 1.28 6.52 -12.86
N PHE B 166 0.61 5.74 -12.01
CA PHE B 166 0.03 6.30 -10.80
C PHE B 166 1.13 6.99 -9.99
N GLY B 167 2.26 6.31 -9.85
CA GLY B 167 3.34 6.86 -9.04
C GLY B 167 3.79 8.21 -9.56
N ILE B 168 3.96 8.31 -10.87
CA ILE B 168 4.45 9.57 -11.42
C ILE B 168 3.50 10.69 -11.03
N SER B 169 2.19 10.43 -11.19
CA SER B 169 1.20 11.44 -10.84
C SER B 169 1.38 11.88 -9.39
N ARG B 170 1.45 10.92 -8.47
CA ARG B 170 1.45 11.32 -7.07
C ARG B 170 2.74 12.05 -6.73
N VAL B 171 3.84 11.71 -7.41
CA VAL B 171 5.08 12.46 -7.13
C VAL B 171 4.98 13.88 -7.67
N ALA B 172 4.37 14.04 -8.85
CA ALA B 172 4.25 15.37 -9.43
C ALA B 172 3.48 16.29 -8.50
N ASP B 173 2.31 15.83 -8.05
CA ASP B 173 1.55 16.60 -7.05
C ASP B 173 2.42 16.95 -5.86
N TYR B 174 3.21 16.00 -5.36
CA TYR B 174 4.06 16.32 -4.22
C TYR B 174 4.99 17.47 -4.56
N LEU B 175 5.72 17.34 -5.67
CA LEU B 175 6.70 18.37 -5.97
C LEU B 175 6.04 19.69 -6.35
N LYS B 176 4.71 19.69 -6.57
CA LYS B 176 4.02 20.94 -6.80
C LYS B 176 4.17 21.89 -5.61
N ALA B 177 4.17 21.33 -4.40
CA ALA B 177 4.29 22.12 -3.18
C ALA B 177 5.72 22.20 -2.66
N HIS B 178 6.65 21.45 -3.24
CA HIS B 178 8.04 21.41 -2.79
C HIS B 178 8.97 21.60 -3.98
N PRO B 179 9.04 22.83 -4.50
CA PRO B 179 9.58 23.06 -5.84
C PRO B 179 11.09 22.96 -5.96
N LYS B 180 11.83 22.85 -4.87
CA LYS B 180 13.27 22.68 -5.00
C LYS B 180 13.73 21.35 -4.43
N GLU B 181 12.80 20.41 -4.26
CA GLU B 181 13.11 19.10 -3.72
C GLU B 181 13.25 18.07 -4.84
N ALA B 182 13.83 16.94 -4.48
CA ALA B 182 13.98 15.80 -5.36
C ALA B 182 13.23 14.60 -4.79
N ALA B 183 12.66 13.81 -5.70
CA ALA B 183 11.98 12.58 -5.32
C ALA B 183 12.40 11.46 -6.26
N ILE B 184 12.30 10.24 -5.77
CA ILE B 184 12.52 9.05 -6.57
C ILE B 184 11.29 8.17 -6.47
N LEU B 185 10.80 7.70 -7.61
CA LEU B 185 9.78 6.66 -7.64
C LEU B 185 10.42 5.36 -8.15
N PHE B 186 10.13 4.26 -7.47
CA PHE B 186 10.43 2.96 -8.06
C PHE B 186 9.22 2.06 -8.05
N ALA B 187 9.09 1.26 -9.11
CA ALA B 187 8.09 0.22 -9.23
C ALA B 187 8.79 -1.11 -9.43
N VAL B 188 8.38 -2.13 -8.68
CA VAL B 188 9.05 -3.42 -8.80
C VAL B 188 8.01 -4.53 -8.65
N GLU B 189 8.01 -5.50 -9.56
CA GLU B 189 7.06 -6.59 -9.42
C GLU B 189 7.74 -7.93 -9.71
N ILE B 190 7.36 -8.92 -8.92
CA ILE B 190 7.84 -10.29 -9.05
C ILE B 190 6.63 -11.14 -9.40
N SER B 191 6.32 -11.21 -10.70
CA SER B 191 5.20 -12.05 -11.11
C SER B 191 5.55 -13.52 -10.94
N SER B 192 6.84 -13.86 -11.00
CA SER B 192 7.23 -15.26 -10.98
C SER B 192 6.84 -15.94 -9.68
N ALA B 193 6.54 -15.16 -8.63
CA ALA B 193 6.01 -15.75 -7.41
C ALA B 193 4.76 -16.59 -7.68
N LEU B 194 3.95 -16.20 -8.66
CA LEU B 194 2.75 -16.97 -8.97
C LEU B 194 3.07 -18.34 -9.56
N TRP B 195 4.26 -18.55 -10.11
CA TRP B 195 4.70 -19.86 -10.56
C TRP B 195 5.22 -20.73 -9.42
N GLN B 196 5.27 -20.19 -8.20
CA GLN B 196 5.82 -20.91 -7.05
C GLN B 196 4.78 -21.75 -6.34
N GLY B 197 3.66 -22.05 -6.98
CA GLY B 197 2.65 -22.92 -6.39
C GLY B 197 1.22 -22.51 -6.57
N SER B 198 0.94 -21.19 -6.61
CA SER B 198 -0.44 -20.73 -6.70
C SER B 198 -1.10 -21.16 -8.00
N LEU B 199 -0.41 -20.96 -9.13
CA LEU B 199 -0.98 -21.33 -10.41
C LEU B 199 -1.18 -22.84 -10.52
N GLN B 200 -0.20 -23.60 -10.05
CA GLN B 200 -0.32 -25.06 -10.12
C GLN B 200 -1.50 -25.56 -9.32
N ALA B 201 -1.61 -25.13 -8.08
CA ALA B 201 -2.72 -25.56 -7.22
C ALA B 201 -4.05 -25.15 -7.82
N ASN B 202 -4.15 -23.91 -8.28
CA ASN B 202 -5.42 -23.46 -8.82
C ASN B 202 -5.77 -24.20 -10.10
N LEU B 203 -4.81 -24.36 -11.01
CA LEU B 203 -5.09 -25.01 -12.28
C LEU B 203 -5.49 -26.46 -12.08
N THR B 204 -4.82 -27.18 -11.16
CA THR B 204 -5.21 -28.57 -10.90
C THR B 204 -6.60 -28.64 -10.29
N SER B 205 -6.88 -27.79 -9.30
CA SER B 205 -8.20 -27.83 -8.67
C SER B 205 -9.30 -27.50 -9.68
N LEU B 206 -9.02 -26.59 -10.61
CA LEU B 206 -10.01 -26.26 -11.63
C LEU B 206 -10.19 -27.40 -12.62
N ILE B 207 -9.08 -27.96 -13.11
CA ILE B 207 -9.17 -28.93 -14.21
C ILE B 207 -9.81 -30.23 -13.76
N ARG B 208 -9.41 -30.75 -12.58
CA ARG B 208 -10.03 -32.00 -12.16
C ARG B 208 -11.40 -31.77 -11.50
N ARG B 209 -11.90 -30.54 -11.57
CA ARG B 209 -13.27 -30.20 -11.24
C ARG B 209 -14.06 -29.78 -12.47
N LEU B 210 -13.39 -29.62 -13.61
CA LEU B 210 -14.06 -29.22 -14.84
C LEU B 210 -15.17 -30.18 -15.29
N PRO B 211 -15.02 -31.51 -15.22
CA PRO B 211 -16.14 -32.37 -15.64
C PRO B 211 -17.45 -32.10 -14.92
N GLU B 212 -17.40 -31.78 -13.62
CA GLU B 212 -18.63 -31.45 -12.90
C GLU B 212 -19.21 -30.14 -13.38
N ASN B 213 -18.39 -29.10 -13.49
CA ASN B 213 -18.86 -27.75 -13.79
C ASN B 213 -18.21 -27.22 -15.05
N PRO B 214 -18.91 -27.22 -16.20
CA PRO B 214 -18.33 -26.63 -17.42
C PRO B 214 -18.20 -25.11 -17.37
N SER B 215 -18.68 -24.45 -16.32
CA SER B 215 -18.47 -23.02 -16.19
C SER B 215 -17.02 -22.70 -15.83
N LEU B 216 -16.31 -23.64 -15.19
CA LEU B 216 -14.93 -23.41 -14.77
C LEU B 216 -13.96 -23.29 -15.92
N TYR B 217 -14.38 -23.63 -17.15
CA TYR B 217 -13.49 -23.55 -18.31
C TYR B 217 -12.89 -22.16 -18.44
N SER B 218 -13.72 -21.12 -18.36
CA SER B 218 -13.23 -19.76 -18.39
C SER B 218 -12.16 -19.54 -17.33
N GLU B 219 -12.41 -20.00 -16.10
CA GLU B 219 -11.43 -19.84 -15.02
C GLU B 219 -10.08 -20.42 -15.39
N ILE B 220 -10.07 -21.52 -16.15
CA ILE B 220 -8.80 -22.14 -16.51
C ILE B 220 -8.06 -21.27 -17.51
N ILE B 221 -8.78 -20.75 -18.51
CA ILE B 221 -8.12 -19.98 -19.55
C ILE B 221 -7.48 -18.74 -18.96
N MET B 222 -8.20 -18.06 -18.06
CA MET B 222 -7.64 -16.91 -17.37
C MET B 222 -6.29 -17.24 -16.74
N ASP B 223 -6.21 -18.37 -16.03
CA ASP B 223 -4.94 -18.72 -15.40
C ASP B 223 -3.85 -18.88 -16.44
N ILE B 224 -4.17 -19.55 -17.54
CA ILE B 224 -3.21 -19.72 -18.62
C ILE B 224 -2.74 -18.36 -19.10
N ILE B 225 -3.69 -17.44 -19.28
CA ILE B 225 -3.33 -16.11 -19.77
C ILE B 225 -2.44 -15.41 -18.76
N THR B 226 -2.78 -15.54 -17.47
CA THR B 226 -1.89 -15.05 -16.42
C THR B 226 -0.51 -15.66 -16.55
N ALA B 227 -0.46 -17.00 -16.65
CA ALA B 227 0.81 -17.68 -16.82
C ALA B 227 1.53 -17.22 -18.08
N ALA B 228 0.77 -16.82 -19.09
CA ALA B 228 1.37 -16.44 -20.35
C ALA B 228 1.97 -15.04 -20.33
N LEU B 229 1.57 -14.20 -19.38
CA LEU B 229 1.66 -12.77 -19.63
C LEU B 229 2.61 -12.03 -18.71
N PHE B 230 2.49 -12.24 -17.40
CA PHE B 230 3.16 -11.41 -16.42
C PHE B 230 4.60 -11.85 -16.20
N ALA B 231 5.46 -10.88 -15.88
CA ALA B 231 6.90 -11.04 -15.79
C ALA B 231 7.45 -10.22 -14.62
N ASP B 232 8.77 -10.29 -14.44
CA ASP B 232 9.44 -9.65 -13.30
C ASP B 232 10.32 -8.49 -13.76
N GLY B 233 10.36 -7.44 -12.95
CA GLY B 233 11.26 -6.35 -13.29
C GLY B 233 11.09 -5.16 -12.38
N CYS B 234 11.92 -4.16 -12.63
CA CYS B 234 11.87 -2.93 -11.84
C CYS B 234 12.28 -1.72 -12.66
N GLY B 235 11.66 -0.59 -12.36
CA GLY B 235 12.10 0.68 -12.90
C GLY B 235 12.13 1.73 -11.80
N ALA B 236 12.92 2.77 -12.04
CA ALA B 236 12.97 3.93 -11.17
C ALA B 236 13.06 5.18 -12.02
N VAL B 237 12.58 6.27 -11.46
CA VAL B 237 12.61 7.56 -12.10
C VAL B 237 12.96 8.60 -11.03
N LEU B 238 13.80 9.54 -11.40
CA LEU B 238 14.12 10.68 -10.55
C LEU B 238 13.35 11.89 -11.07
N MET B 239 12.66 12.57 -10.17
CA MET B 239 11.84 13.72 -10.50
C MET B 239 12.25 14.87 -9.60
N VAL B 240 12.21 16.09 -10.13
CA VAL B 240 12.59 17.26 -9.33
C VAL B 240 11.55 18.35 -9.47
N GLY B 241 11.49 19.20 -8.45
CA GLY B 241 10.70 20.40 -8.51
C GLY B 241 11.27 21.37 -9.53
N LYS B 242 10.67 22.56 -9.55
CA LYS B 242 10.98 23.52 -10.60
C LYS B 242 12.21 24.37 -10.30
N GLU B 243 12.49 24.65 -9.03
CA GLU B 243 13.69 25.42 -8.69
C GLU B 243 14.92 24.54 -8.45
N HIS B 244 14.79 23.22 -8.63
CA HIS B 244 15.92 22.32 -8.45
C HIS B 244 16.96 22.56 -9.55
N PRO B 245 18.24 22.43 -9.19
CA PRO B 245 19.29 22.65 -10.21
C PRO B 245 19.21 21.72 -11.40
N LEU B 246 18.65 20.53 -11.23
CA LEU B 246 18.60 19.58 -12.33
C LEU B 246 17.45 19.84 -13.30
N ALA B 247 16.60 20.84 -13.04
CA ALA B 247 15.41 21.08 -13.87
C ALA B 247 15.79 21.86 -15.13
N LYS B 248 16.55 21.18 -15.99
CA LYS B 248 16.98 21.76 -17.27
C LYS B 248 15.87 21.63 -18.31
N SER B 249 16.03 22.38 -19.40
CA SER B 249 14.97 22.50 -20.41
C SER B 249 14.95 21.37 -21.42
N GLY B 250 15.91 20.45 -21.38
CA GLY B 250 15.79 19.29 -22.26
C GLY B 250 14.84 18.22 -21.77
N LEU B 251 14.38 18.34 -20.54
CA LEU B 251 13.67 17.24 -19.90
C LEU B 251 12.16 17.43 -19.98
N PRO B 252 11.41 16.33 -20.00
CA PRO B 252 9.94 16.44 -20.02
C PRO B 252 9.40 16.93 -18.68
N GLN B 253 8.40 17.80 -18.75
CA GLN B 253 7.68 18.30 -17.58
C GLN B 253 6.32 17.61 -17.47
N VAL B 254 5.99 17.16 -16.26
CA VAL B 254 4.63 16.71 -15.98
C VAL B 254 3.77 17.96 -15.78
N ILE B 255 2.89 18.24 -16.75
CA ILE B 255 2.11 19.48 -16.68
C ILE B 255 0.70 19.27 -16.14
N ASP B 256 0.14 18.06 -16.25
CA ASP B 256 -1.14 17.76 -15.60
C ASP B 256 -1.25 16.24 -15.49
N ASN B 257 -2.14 15.80 -14.61
CA ASN B 257 -2.45 14.38 -14.54
C ASN B 257 -3.88 14.20 -14.07
N ARG B 258 -4.51 13.12 -14.53
CA ARG B 258 -5.89 12.82 -14.19
C ARG B 258 -6.03 11.33 -13.96
N SER B 259 -6.99 10.96 -13.11
CA SER B 259 -7.27 9.56 -12.87
C SER B 259 -8.77 9.32 -13.01
N PHE B 260 -9.13 8.08 -13.31
CA PHE B 260 -10.51 7.72 -13.65
C PHE B 260 -10.75 6.28 -13.23
N LEU B 261 -11.93 6.03 -12.66
CA LEU B 261 -12.33 4.70 -12.22
C LEU B 261 -13.68 4.34 -12.81
N VAL B 262 -13.74 3.22 -13.53
CA VAL B 262 -14.96 2.73 -14.16
C VAL B 262 -15.86 2.09 -13.11
N PRO B 263 -17.08 2.59 -12.91
CA PRO B 263 -17.92 2.05 -11.82
C PRO B 263 -18.28 0.59 -12.04
N ASN B 264 -18.32 -0.16 -10.94
CA ASN B 264 -18.71 -1.58 -10.93
C ASN B 264 -17.86 -2.42 -11.89
N THR B 265 -16.53 -2.26 -11.79
CA THR B 265 -15.64 -3.15 -12.52
C THR B 265 -14.60 -3.80 -11.61
N VAL B 266 -14.86 -3.89 -10.30
CA VAL B 266 -13.85 -4.42 -9.39
C VAL B 266 -13.48 -5.84 -9.79
N GLU B 267 -14.48 -6.66 -10.11
CA GLU B 267 -14.25 -8.07 -10.39
C GLU B 267 -13.56 -8.30 -11.72
N LEU B 268 -13.27 -7.26 -12.51
CA LEU B 268 -12.65 -7.51 -13.80
C LEU B 268 -11.13 -7.70 -13.70
N MET B 269 -10.49 -7.01 -12.78
CA MET B 269 -9.04 -7.01 -12.70
C MET B 269 -8.64 -6.90 -11.24
N GLY B 270 -7.57 -7.59 -10.88
CA GLY B 270 -7.06 -7.45 -9.53
C GLY B 270 -6.22 -8.64 -9.14
N LEU B 271 -6.00 -8.77 -7.84
CA LEU B 271 -5.21 -9.87 -7.33
C LEU B 271 -5.84 -10.28 -6.01
N ASP B 272 -6.29 -11.53 -5.94
CA ASP B 272 -6.99 -12.06 -4.77
C ASP B 272 -6.09 -13.04 -4.04
N VAL B 273 -6.23 -13.13 -2.72
CA VAL B 273 -5.43 -14.10 -1.98
C VAL B 273 -6.23 -15.35 -1.69
N GLY B 277 -1.73 -18.67 -1.17
CA GLY B 277 -1.18 -17.94 -2.30
C GLY B 277 -2.11 -16.89 -2.87
N PHE B 278 -1.79 -16.38 -4.05
CA PHE B 278 -2.57 -15.38 -4.74
C PHE B 278 -3.11 -15.93 -6.06
N ARG B 279 -4.01 -15.15 -6.66
CA ARG B 279 -4.54 -15.46 -7.98
C ARG B 279 -4.76 -14.15 -8.71
N ASN B 280 -4.07 -14.00 -9.84
CA ASN B 280 -4.30 -12.86 -10.70
C ASN B 280 -5.69 -12.94 -11.32
N ILE B 281 -6.36 -11.81 -11.36
CA ILE B 281 -7.69 -11.67 -11.92
C ILE B 281 -7.57 -10.75 -13.12
N LEU B 282 -7.94 -11.27 -14.30
CA LEU B 282 -7.89 -10.52 -15.55
C LEU B 282 -8.96 -11.13 -16.47
N ARG B 283 -10.22 -10.56 -16.39
CA ARG B 283 -11.31 -11.06 -17.20
C ARG B 283 -11.32 -10.38 -18.58
N PRO B 284 -11.74 -11.10 -19.62
CA PRO B 284 -11.69 -10.52 -20.98
C PRO B 284 -12.45 -9.20 -21.11
N GLU B 285 -13.55 -9.06 -20.36
CA GLU B 285 -14.36 -7.84 -20.42
C GLU B 285 -13.55 -6.59 -20.14
N VAL B 286 -12.39 -6.72 -19.50
CA VAL B 286 -11.52 -5.56 -19.27
C VAL B 286 -11.37 -4.75 -20.54
N SER B 287 -11.04 -5.44 -21.64
CA SER B 287 -10.88 -4.77 -22.93
C SER B 287 -12.05 -3.85 -23.25
N ASP B 288 -13.26 -4.34 -23.02
CA ASP B 288 -14.46 -3.55 -23.26
C ASP B 288 -14.63 -2.46 -22.21
N ALA B 289 -14.50 -2.81 -20.92
CA ALA B 289 -14.73 -1.82 -19.88
C ALA B 289 -13.71 -0.70 -19.99
N LEU B 290 -12.56 -1.02 -20.54
CA LEU B 290 -11.50 -0.05 -20.80
C LEU B 290 -12.04 1.12 -21.62
N LYS B 291 -12.85 0.83 -22.65
CA LYS B 291 -13.42 1.88 -23.48
C LYS B 291 -14.25 2.87 -22.68
N GLN B 292 -14.84 2.43 -21.57
CA GLN B 292 -15.69 3.32 -20.79
C GLN B 292 -14.87 4.44 -20.15
N GLY B 293 -13.58 4.19 -19.89
CA GLY B 293 -12.79 5.13 -19.14
C GLY B 293 -11.88 6.02 -19.96
N LEU B 294 -11.18 5.42 -20.93
CA LEU B 294 -10.15 6.09 -21.71
C LEU B 294 -10.56 7.44 -22.28
N ARG B 295 -11.53 7.43 -23.19
CA ARG B 295 -11.87 8.68 -23.86
C ARG B 295 -12.41 9.74 -22.91
N PRO B 296 -13.32 9.43 -21.97
CA PRO B 296 -13.70 10.46 -20.99
C PRO B 296 -12.49 11.00 -20.24
N LEU B 297 -11.56 10.13 -19.84
CA LEU B 297 -10.35 10.57 -19.14
C LEU B 297 -9.48 11.44 -20.05
N ILE B 298 -8.93 10.82 -21.10
CA ILE B 298 -7.93 11.48 -21.94
C ILE B 298 -8.51 12.75 -22.57
N ASN B 299 -9.69 12.63 -23.20
CA ASN B 299 -10.28 13.79 -23.85
C ASN B 299 -10.48 14.94 -22.86
N GLY B 300 -10.89 14.62 -21.63
CA GLY B 300 -11.00 15.68 -20.63
C GLY B 300 -9.66 16.30 -20.30
N LEU B 301 -8.65 15.45 -20.07
CA LEU B 301 -7.35 15.95 -19.64
C LEU B 301 -6.76 16.86 -20.71
N LEU B 302 -6.84 16.45 -21.97
CA LEU B 302 -6.39 17.31 -23.06
C LEU B 302 -7.23 18.58 -23.14
N ALA B 303 -8.54 18.47 -22.93
CA ALA B 303 -9.43 19.61 -23.17
C ALA B 303 -9.15 20.76 -22.21
N ASP B 304 -8.91 20.46 -20.94
CA ASP B 304 -8.55 21.50 -19.99
C ASP B 304 -7.10 21.93 -20.12
N ASN B 305 -6.37 21.36 -21.07
CA ASN B 305 -5.02 21.81 -21.38
C ASN B 305 -4.89 22.37 -22.79
N ASN B 306 -6.00 22.67 -23.47
CA ASN B 306 -5.99 23.30 -24.79
C ASN B 306 -5.16 22.48 -25.78
N ILE B 307 -5.44 21.19 -25.84
CA ILE B 307 -4.66 20.25 -26.63
C ILE B 307 -5.61 19.29 -27.31
N GLU B 308 -5.40 19.05 -28.60
CA GLU B 308 -6.13 18.02 -29.33
C GLU B 308 -5.29 16.75 -29.35
N SER B 309 -5.98 15.61 -29.38
CA SER B 309 -5.30 14.32 -29.35
C SER B 309 -4.37 14.13 -30.55
N GLU B 310 -4.59 14.89 -31.62
CA GLU B 310 -3.85 14.67 -32.86
C GLU B 310 -2.47 15.33 -32.83
N ASN B 311 -2.32 16.46 -32.14
CA ASN B 311 -1.05 17.15 -32.06
C ASN B 311 -0.14 16.60 -30.96
N LEU B 312 -0.44 15.41 -30.45
CA LEU B 312 0.46 14.76 -29.49
C LEU B 312 1.65 14.16 -30.23
N TYR B 313 2.86 14.54 -29.82
CA TYR B 313 4.06 13.98 -30.43
C TYR B 313 4.22 12.51 -30.08
N ARG B 314 3.94 12.12 -28.84
CA ARG B 314 4.27 10.78 -28.40
C ARG B 314 3.23 10.26 -27.41
N TRP B 315 3.04 8.93 -27.44
CA TRP B 315 2.20 8.21 -26.50
C TRP B 315 3.05 7.14 -25.83
N ILE B 316 2.74 6.83 -24.58
CA ILE B 316 3.37 5.73 -23.86
C ILE B 316 2.26 5.00 -23.11
N VAL B 317 1.83 3.87 -23.65
CA VAL B 317 0.65 3.17 -23.18
C VAL B 317 1.07 1.86 -22.56
N HIS B 318 0.63 1.61 -21.33
CA HIS B 318 0.97 0.36 -20.67
C HIS B 318 0.40 -0.80 -21.48
N PRO B 319 1.20 -1.77 -21.87
CA PRO B 319 0.73 -2.93 -22.64
C PRO B 319 0.17 -4.05 -21.77
N GLY B 320 -1.06 -3.89 -21.29
CA GLY B 320 -1.70 -4.99 -20.60
C GLY B 320 -1.79 -6.23 -21.48
N GLY B 321 -1.89 -6.02 -22.78
CA GLY B 321 -1.88 -7.08 -23.77
C GLY B 321 -2.09 -6.43 -25.12
N PRO B 322 -1.75 -7.13 -26.22
CA PRO B 322 -1.96 -6.53 -27.54
C PRO B 322 -3.41 -6.11 -27.77
N LYS B 323 -4.37 -6.79 -27.14
CA LYS B 323 -5.77 -6.41 -27.29
C LYS B 323 -6.05 -5.07 -26.63
N VAL B 324 -5.40 -4.79 -25.50
CA VAL B 324 -5.47 -3.47 -24.90
C VAL B 324 -4.85 -2.42 -25.81
N ILE B 325 -3.66 -2.71 -26.35
CA ILE B 325 -3.01 -1.74 -27.26
C ILE B 325 -3.91 -1.46 -28.46
N ASP B 326 -4.47 -2.50 -29.05
CA ASP B 326 -5.35 -2.32 -30.20
C ASP B 326 -6.59 -1.54 -29.84
N THR B 327 -7.12 -1.76 -28.63
CA THR B 327 -8.27 -1.00 -28.18
C THR B 327 -7.95 0.49 -28.09
N VAL B 328 -6.80 0.83 -27.50
CA VAL B 328 -6.44 2.24 -27.39
C VAL B 328 -6.22 2.84 -28.78
N GLU B 329 -5.60 2.06 -29.66
CA GLU B 329 -5.34 2.52 -31.02
C GLU B 329 -6.64 2.84 -31.74
N ALA B 330 -7.62 1.95 -31.67
CA ALA B 330 -8.88 2.18 -32.35
C ALA B 330 -9.69 3.29 -31.69
N GLU B 331 -9.65 3.35 -30.36
CA GLU B 331 -10.45 4.34 -29.65
C GLU B 331 -9.97 5.76 -29.95
N PHE B 332 -8.69 5.93 -30.20
CA PHE B 332 -8.20 7.27 -30.53
C PHE B 332 -7.81 7.41 -31.99
N GLY B 333 -8.08 6.40 -32.80
CA GLY B 333 -7.76 6.46 -34.22
C GLY B 333 -6.29 6.69 -34.50
N LEU B 334 -5.42 5.98 -33.80
CA LEU B 334 -4.01 6.29 -33.87
C LEU B 334 -3.34 5.60 -35.07
N ASP B 335 -2.21 6.16 -35.50
CA ASP B 335 -1.35 5.47 -36.45
C ASP B 335 -0.69 4.28 -35.75
N SER B 336 -0.61 3.14 -36.47
CA SER B 336 -0.23 1.88 -35.83
C SER B 336 1.21 1.90 -35.32
N GLN B 337 2.04 2.86 -35.75
CA GLN B 337 3.36 3.03 -35.18
C GLN B 337 3.34 3.84 -33.89
N THR B 338 2.24 4.54 -33.60
CA THR B 338 2.22 5.43 -32.44
C THR B 338 2.38 4.66 -31.14
N LEU B 339 1.83 3.45 -31.06
CA LEU B 339 1.95 2.60 -29.87
C LEU B 339 2.98 1.47 -30.05
N GLN B 340 3.81 1.55 -31.09
CA GLN B 340 4.77 0.48 -31.36
C GLN B 340 5.67 0.21 -30.16
N LEU B 341 5.96 1.24 -29.35
CA LEU B 341 6.78 1.06 -28.16
C LEU B 341 6.12 0.08 -27.19
N SER B 342 4.79 0.09 -27.11
CA SER B 342 4.09 -0.85 -26.23
C SER B 342 4.26 -2.29 -26.69
N ARG B 343 4.10 -2.54 -28.01
CA ARG B 343 4.28 -3.89 -28.54
C ARG B 343 5.72 -4.35 -28.41
N ASP B 344 6.68 -3.47 -28.70
CA ASP B 344 8.10 -3.80 -28.56
C ASP B 344 8.43 -4.16 -27.11
N THR B 345 7.98 -3.33 -26.16
CA THR B 345 8.22 -3.61 -24.75
C THR B 345 7.65 -4.96 -24.35
N LEU B 346 6.40 -5.22 -24.74
CA LEU B 346 5.77 -6.50 -24.40
C LEU B 346 6.55 -7.67 -24.99
N ALA B 347 7.10 -7.49 -26.20
CA ALA B 347 7.90 -8.55 -26.81
C ALA B 347 9.19 -8.80 -26.04
N GLU B 348 9.87 -7.75 -25.61
CA GLU B 348 11.18 -7.99 -25.01
C GLU B 348 11.11 -8.36 -23.53
N VAL B 349 10.19 -7.80 -22.74
CA VAL B 349 10.17 -8.04 -21.30
C VAL B 349 8.84 -8.58 -20.81
N GLY B 350 7.87 -8.76 -21.68
CA GLY B 350 6.56 -9.19 -21.21
C GLY B 350 5.90 -8.08 -20.43
N ASN B 351 4.85 -8.46 -19.70
CA ASN B 351 4.13 -7.54 -18.83
C ASN B 351 4.75 -7.60 -17.43
N ILE B 352 5.52 -6.56 -17.07
CA ILE B 352 6.12 -6.45 -15.74
C ILE B 352 5.34 -5.45 -14.90
N SER B 353 4.04 -5.33 -15.16
CA SER B 353 3.07 -4.61 -14.31
C SER B 353 3.48 -3.15 -14.14
N SER B 354 3.49 -2.61 -12.91
CA SER B 354 3.70 -1.18 -12.70
C SER B 354 5.04 -0.71 -13.22
N ALA B 355 6.00 -1.62 -13.36
CA ALA B 355 7.32 -1.18 -13.82
C ALA B 355 7.37 -0.97 -15.33
N THR B 356 6.43 -1.57 -16.08
CA THR B 356 6.49 -1.53 -17.55
C THR B 356 6.62 -0.11 -18.07
N VAL B 357 5.71 0.78 -17.67
CA VAL B 357 5.70 2.13 -18.21
C VAL B 357 6.92 2.91 -17.78
N LEU B 358 7.56 2.53 -16.68
CA LEU B 358 8.86 3.12 -16.36
C LEU B 358 9.93 2.60 -17.32
N TYR B 359 9.97 1.28 -17.53
CA TYR B 359 10.84 0.71 -18.54
C TYR B 359 10.59 1.35 -19.90
N MET B 360 9.33 1.67 -20.20
CA MET B 360 9.02 2.36 -21.45
C MET B 360 9.56 3.78 -21.43
N LEU B 361 9.29 4.52 -20.35
CA LEU B 361 9.79 5.89 -20.27
C LEU B 361 11.30 5.89 -20.37
N ASP B 362 11.96 4.94 -19.70
CA ASP B 362 13.39 4.85 -19.79
C ASP B 362 13.85 4.74 -21.24
N LYS B 363 13.11 4.00 -22.07
CA LYS B 363 13.48 3.93 -23.48
C LYS B 363 13.40 5.30 -24.12
N VAL B 364 12.29 5.99 -23.92
CA VAL B 364 12.04 7.22 -24.67
C VAL B 364 13.10 8.26 -24.34
N LEU B 365 13.41 8.40 -23.05
CA LEU B 365 14.42 9.37 -22.63
C LEU B 365 15.78 9.04 -23.23
N SER B 366 16.09 7.76 -23.42
CA SER B 366 17.43 7.38 -23.85
C SER B 366 17.54 7.08 -25.33
N GLU B 367 16.42 6.87 -26.02
CA GLU B 367 16.45 6.53 -27.44
C GLU B 367 16.15 7.75 -28.30
N PRO B 372 10.33 18.43 -28.99
CA PRO B 372 10.60 19.84 -29.28
C PRO B 372 9.39 20.75 -29.00
N ASP B 373 9.24 21.22 -27.76
CA ASP B 373 8.08 22.01 -27.34
C ASP B 373 6.77 21.29 -27.63
N SER B 374 6.82 19.96 -27.56
CA SER B 374 5.71 19.09 -27.93
C SER B 374 5.15 18.38 -26.70
N TYR B 375 3.90 17.96 -26.82
CA TYR B 375 3.20 17.28 -25.74
C TYR B 375 3.19 15.77 -25.97
N GLY B 376 3.02 15.03 -24.88
CA GLY B 376 2.94 13.58 -24.90
C GLY B 376 2.08 13.13 -23.74
N LEU B 377 1.75 11.85 -23.72
CA LEU B 377 0.99 11.38 -22.58
C LEU B 377 1.35 9.94 -22.25
N ILE B 378 1.40 9.68 -20.95
CA ILE B 378 1.56 8.35 -20.41
C ILE B 378 0.20 7.85 -20.00
N VAL B 379 -0.17 6.66 -20.47
CA VAL B 379 -1.46 6.08 -20.16
C VAL B 379 -1.26 4.68 -19.61
N ALA B 380 -1.88 4.39 -18.47
CA ALA B 380 -1.85 3.04 -17.94
C ALA B 380 -3.21 2.71 -17.34
N MET B 381 -3.44 1.42 -17.13
CA MET B 381 -4.70 0.93 -16.59
C MET B 381 -4.43 -0.27 -15.70
N GLY B 382 -5.24 -0.39 -14.65
CA GLY B 382 -5.08 -1.46 -13.70
C GLY B 382 -6.35 -1.75 -12.94
N PRO B 383 -6.23 -2.49 -11.83
CA PRO B 383 -7.41 -2.83 -11.04
C PRO B 383 -8.18 -1.59 -10.59
N GLY B 384 -9.48 -1.78 -10.39
CA GLY B 384 -10.45 -0.76 -10.06
C GLY B 384 -11.82 -0.83 -10.75
N LEU B 385 -11.92 -0.99 -12.07
CA LEU B 385 -10.85 -0.84 -13.03
C LEU B 385 -10.50 0.64 -13.20
N ALA B 386 -9.24 0.99 -12.97
CA ALA B 386 -8.81 2.37 -12.98
C ALA B 386 -7.87 2.66 -14.14
N GLN B 387 -7.86 3.92 -14.56
CA GLN B 387 -6.94 4.38 -15.58
C GLN B 387 -6.28 5.67 -15.13
N GLU B 388 -5.02 5.83 -15.52
CA GLU B 388 -4.24 7.02 -15.22
C GLU B 388 -3.64 7.58 -16.49
N ALA B 389 -3.69 8.91 -16.61
CA ALA B 389 -3.14 9.60 -17.77
C ALA B 389 -2.33 10.79 -17.27
N ILE B 390 -1.18 10.99 -17.91
CA ILE B 390 -0.24 12.05 -17.54
C ILE B 390 0.12 12.82 -18.81
N LEU B 391 0.04 14.14 -18.73
CA LEU B 391 0.38 15.01 -19.85
C LEU B 391 1.79 15.52 -19.63
N LEU B 392 2.69 15.21 -20.56
CA LEU B 392 4.07 15.65 -20.54
C LEU B 392 4.30 16.69 -21.62
N LYS B 393 5.20 17.62 -21.35
CA LYS B 393 5.64 18.60 -22.34
C LYS B 393 7.15 18.64 -22.36
N TRP B 394 7.74 18.50 -23.55
CA TRP B 394 9.19 18.48 -23.71
C TRP B 394 9.70 19.83 -24.20
#